data_7SMZ
#
_entry.id   7SMZ
#
_cell.length_a   50.313
_cell.length_b   50.395
_cell.length_c   82.577
_cell.angle_alpha   82.320
_cell.angle_beta   75.590
_cell.angle_gamma   72.050
#
_symmetry.space_group_name_H-M   'P 1'
#
loop_
_entity.id
_entity.type
_entity.pdbx_description
1 polymer 'Cytochrome P450 142A3'
2 non-polymer (8ALPHA,9BETA)-CHOLEST-4-EN-3-ONE
3 non-polymer 'PROTOPORPHYRIN IX CONTAINING FE'
4 non-polymer 'ACETATE ION'
5 non-polymer 'SODIUM ION'
6 water water
#
_entity_poly.entity_id   1
_entity_poly.type   'polypeptide(L)'
_entity_poly.pdbx_seq_one_letter_code
;MTKPLIKPDVDLTDGNFYASRQAREAYRWMRANQPVFRDRNGLAAASTYQAVIDAERQPELFSNAGGIRPDQDALPMMID
MDDPAHLLRRKLVNAGFTRKRVKDKERSIAQLCDTLIDAVCERGECDFVRDLAAPLPMAVIGDMLGVLPEQREMFLRWSD
DLVTFLSSHVSQEDFQVTIDAFAAYNDFTRATIAARRAEPTDDLVSVLVSSEVDGERLSDDELVMETLLILIGGDETTRH
TLSGGSEQLLRNRDQWDLLQSDRELLPGAIEEMLRWTAPVKNMCRMLTADTEFHGTALSEGEKIMLLFESANFDEAVFTD
PEKFDIQRNPNSHLAFGFGTHFCMGNQLARLELSLMTARVVQRLPDLRLADQDSRLPLRPANFVSGLESMPVVFTPSRPL
SGGSG
;
_entity_poly.pdbx_strand_id   A,B
#
loop_
_chem_comp.id
_chem_comp.type
_chem_comp.name
_chem_comp.formula
ACT non-polymer 'ACETATE ION' 'C2 H3 O2 -1'
HEM non-polymer 'PROTOPORPHYRIN IX CONTAINING FE' 'C34 H32 Fe N4 O4'
K2B non-polymer (8ALPHA,9BETA)-CHOLEST-4-EN-3-ONE 'C27 H44 O'
NA non-polymer 'SODIUM ION' 'Na 1'
#
# COMPACT_ATOMS: atom_id res chain seq x y z
N ILE A 6 4.58 -2.93 -34.17
CA ILE A 6 3.94 -3.87 -33.26
C ILE A 6 2.98 -3.12 -32.36
N LYS A 7 2.63 -1.92 -32.76
CA LYS A 7 1.72 -1.13 -31.96
C LYS A 7 0.36 -1.79 -31.99
N PRO A 8 -0.27 -2.04 -30.86
CA PRO A 8 -1.61 -2.63 -30.88
C PRO A 8 -2.63 -1.70 -31.50
N ASP A 9 -3.59 -2.30 -32.20
CA ASP A 9 -4.72 -1.56 -32.78
C ASP A 9 -5.90 -1.76 -31.85
N VAL A 10 -6.14 -0.80 -30.97
CA VAL A 10 -7.09 -0.98 -29.87
C VAL A 10 -8.02 0.23 -29.78
N ASP A 11 -9.29 -0.06 -29.50
CA ASP A 11 -10.28 0.93 -29.13
C ASP A 11 -10.61 0.64 -27.66
N LEU A 12 -10.13 1.49 -26.76
CA LEU A 12 -10.27 1.21 -25.33
C LEU A 12 -11.69 1.35 -24.83
N THR A 13 -12.63 1.78 -25.67
CA THR A 13 -14.05 1.76 -25.36
C THR A 13 -14.77 0.60 -26.01
N ASP A 14 -14.04 -0.26 -26.74
CA ASP A 14 -14.60 -1.44 -27.37
C ASP A 14 -14.59 -2.58 -26.38
N GLY A 15 -15.78 -3.10 -26.05
CA GLY A 15 -15.87 -4.20 -25.10
C GLY A 15 -15.07 -5.42 -25.52
N ASN A 16 -14.92 -5.63 -26.83
CA ASN A 16 -14.19 -6.79 -27.31
C ASN A 16 -12.73 -6.78 -26.87
N PHE A 17 -12.15 -5.60 -26.68
CA PHE A 17 -10.76 -5.51 -26.22
C PHE A 17 -10.60 -6.18 -24.87
N TYR A 18 -11.50 -5.88 -23.93
CA TYR A 18 -11.37 -6.39 -22.57
C TYR A 18 -11.74 -7.86 -22.45
N ALA A 19 -12.39 -8.44 -23.46
CA ALA A 19 -12.67 -9.87 -23.47
C ALA A 19 -11.60 -10.67 -24.20
N SER A 20 -10.68 -10.02 -24.89
CA SER A 20 -9.60 -10.72 -25.58
C SER A 20 -8.43 -10.95 -24.64
N ARG A 21 -7.84 -12.14 -24.73
CA ARG A 21 -6.71 -12.49 -23.89
C ARG A 21 -5.40 -11.88 -24.37
N GLN A 22 -5.42 -11.05 -25.41
CA GLN A 22 -4.24 -10.29 -25.83
C GLN A 22 -4.23 -8.88 -25.26
N ALA A 23 -5.16 -8.57 -24.35
CA ALA A 23 -5.22 -7.22 -23.79
C ALA A 23 -3.96 -6.90 -22.99
N ARG A 24 -3.44 -7.87 -22.24
CA ARG A 24 -2.29 -7.57 -21.39
C ARG A 24 -1.01 -7.42 -22.20
N GLU A 25 -0.94 -8.04 -23.37
CA GLU A 25 0.18 -7.76 -24.26
C GLU A 25 0.08 -6.37 -24.86
N ALA A 26 -1.14 -5.90 -25.13
CA ALA A 26 -1.32 -4.50 -25.54
C ALA A 26 -0.90 -3.55 -24.42
N TYR A 27 -1.26 -3.87 -23.18
CA TYR A 27 -0.81 -3.06 -22.05
C TYR A 27 0.71 -3.02 -21.97
N ARG A 28 1.37 -4.15 -22.21
CA ARG A 28 2.83 -4.21 -22.08
C ARG A 28 3.51 -3.32 -23.10
N TRP A 29 3.00 -3.29 -24.34
CA TRP A 29 3.51 -2.35 -25.32
C TRP A 29 3.30 -0.91 -24.85
N MET A 30 2.12 -0.62 -24.31
CA MET A 30 1.81 0.72 -23.81
C MET A 30 2.82 1.18 -22.77
N ARG A 31 3.06 0.34 -21.76
CA ARG A 31 3.95 0.74 -20.66
C ARG A 31 5.37 0.96 -21.14
N ALA A 32 5.80 0.21 -22.16
CA ALA A 32 7.17 0.31 -22.66
C ALA A 32 7.37 1.40 -23.69
N ASN A 33 6.33 1.80 -24.41
CA ASN A 33 6.48 2.69 -25.57
C ASN A 33 5.79 4.03 -25.41
N GLN A 34 4.57 4.05 -24.87
CA GLN A 34 3.85 5.30 -24.66
C GLN A 34 3.07 5.19 -23.36
N PRO A 35 3.68 5.53 -22.22
CA PRO A 35 3.01 5.37 -20.92
C PRO A 35 1.63 6.00 -20.86
N VAL A 36 1.49 7.24 -21.32
CA VAL A 36 0.19 7.84 -21.54
C VAL A 36 -0.16 7.55 -23.01
N PHE A 37 -0.98 6.53 -23.21
CA PHE A 37 -1.27 5.97 -24.53
C PHE A 37 -2.48 6.67 -25.14
N ARG A 38 -2.50 6.74 -26.46
CA ARG A 38 -3.66 7.21 -27.22
C ARG A 38 -4.10 6.09 -28.16
N ASP A 39 -5.36 5.68 -28.06
CA ASP A 39 -5.83 4.56 -28.85
C ASP A 39 -6.18 5.02 -30.26
N ARG A 40 -6.70 4.09 -31.07
CA ARG A 40 -6.90 4.36 -32.48
C ARG A 40 -7.93 5.47 -32.73
N ASN A 41 -8.72 5.82 -31.72
CA ASN A 41 -9.65 6.95 -31.83
C ASN A 41 -9.15 8.18 -31.10
N GLY A 42 -7.91 8.16 -30.59
CA GLY A 42 -7.33 9.31 -29.92
C GLY A 42 -7.61 9.40 -28.43
N LEU A 43 -8.27 8.41 -27.84
CA LEU A 43 -8.57 8.45 -26.41
C LEU A 43 -7.30 8.21 -25.60
N ALA A 44 -7.02 9.12 -24.67
CA ALA A 44 -5.83 9.03 -23.83
C ALA A 44 -6.04 8.03 -22.68
N ALA A 45 -4.97 7.35 -22.31
CA ALA A 45 -5.04 6.38 -21.22
C ALA A 45 -3.72 6.34 -20.46
N ALA A 46 -3.81 6.37 -19.13
CA ALA A 46 -2.64 6.16 -18.28
C ALA A 46 -2.44 4.67 -18.11
N SER A 47 -1.33 4.14 -18.65
CA SER A 47 -1.11 2.70 -18.70
C SER A 47 -0.11 2.20 -17.66
N THR A 48 0.76 3.06 -17.16
CA THR A 48 1.74 2.64 -16.17
C THR A 48 1.23 2.90 -14.75
N TYR A 49 1.72 2.11 -13.81
CA TYR A 49 1.40 2.33 -12.39
C TYR A 49 1.69 3.76 -11.98
N GLN A 50 2.84 4.29 -12.40
CA GLN A 50 3.22 5.65 -12.03
C GLN A 50 2.27 6.68 -12.61
N ALA A 51 1.86 6.50 -13.87
CA ALA A 51 0.95 7.46 -14.48
C ALA A 51 -0.43 7.43 -13.82
N VAL A 52 -0.93 6.22 -13.53
CA VAL A 52 -2.21 6.11 -12.83
C VAL A 52 -2.14 6.79 -11.48
N ILE A 53 -1.09 6.52 -10.71
CA ILE A 53 -0.95 7.12 -9.38
C ILE A 53 -0.80 8.64 -9.50
N ASP A 54 0.00 9.10 -10.45
CA ASP A 54 0.21 10.54 -10.61
C ASP A 54 -1.09 11.27 -10.91
N ALA A 55 -1.96 10.66 -11.72
CA ALA A 55 -3.25 11.28 -12.02
C ALA A 55 -4.18 11.23 -10.82
N GLU A 56 -4.23 10.09 -10.12
CA GLU A 56 -5.07 9.97 -8.94
C GLU A 56 -4.71 11.01 -7.89
N ARG A 57 -3.42 11.35 -7.77
CA ARG A 57 -2.95 12.27 -6.75
C ARG A 57 -3.24 13.73 -7.07
N GLN A 58 -3.83 14.02 -8.23
CA GLN A 58 -4.11 15.40 -8.65
C GLN A 58 -5.57 15.51 -9.09
N PRO A 59 -6.52 15.39 -8.15
CA PRO A 59 -7.93 15.51 -8.53
C PRO A 59 -8.29 16.88 -9.07
N GLU A 60 -7.57 17.93 -8.65
CA GLU A 60 -7.83 19.27 -9.16
C GLU A 60 -7.59 19.35 -10.66
N LEU A 61 -6.64 18.57 -11.17
CA LEU A 61 -6.32 18.54 -12.59
C LEU A 61 -7.00 17.40 -13.33
N PHE A 62 -7.10 16.23 -12.70
CA PHE A 62 -7.80 15.07 -13.26
C PHE A 62 -9.09 14.90 -12.46
N SER A 63 -10.17 15.47 -12.98
CA SER A 63 -11.43 15.58 -12.25
C SER A 63 -12.36 14.42 -12.56
N ASN A 64 -13.23 14.11 -11.60
CA ASN A 64 -14.30 13.13 -11.80
C ASN A 64 -15.60 13.79 -12.27
N ALA A 65 -15.69 15.12 -12.20
CA ALA A 65 -16.95 15.82 -12.41
C ALA A 65 -17.42 15.78 -13.87
N GLY A 66 -16.61 15.27 -14.78
CA GLY A 66 -17.06 15.04 -16.14
C GLY A 66 -17.61 13.65 -16.39
N GLY A 67 -17.71 12.83 -15.36
CA GLY A 67 -18.17 11.46 -15.47
C GLY A 67 -17.01 10.48 -15.53
N ILE A 68 -17.24 9.28 -14.98
CA ILE A 68 -16.20 8.25 -14.91
C ILE A 68 -16.16 7.36 -16.15
N ARG A 69 -17.11 7.50 -17.07
CA ARG A 69 -17.21 6.65 -18.24
C ARG A 69 -16.96 7.44 -19.52
N PRO A 70 -16.53 6.77 -20.59
CA PRO A 70 -16.41 7.46 -21.88
C PRO A 70 -17.76 7.55 -22.59
N ASP A 71 -17.89 8.61 -23.39
CA ASP A 71 -19.13 8.86 -24.14
C ASP A 71 -20.34 8.91 -23.21
N GLN A 72 -20.16 9.49 -22.04
CA GLN A 72 -21.20 9.49 -21.01
C GLN A 72 -21.02 10.72 -20.13
N ASP A 73 -22.06 11.53 -20.02
CA ASP A 73 -22.02 12.71 -19.18
C ASP A 73 -22.11 12.32 -17.70
N ALA A 74 -21.74 13.27 -16.84
CA ALA A 74 -21.75 13.04 -15.41
C ALA A 74 -23.19 12.83 -14.91
N LEU A 75 -23.32 11.96 -13.91
CA LEU A 75 -24.58 11.63 -13.27
C LEU A 75 -24.55 12.08 -11.82
N PRO A 76 -25.71 12.26 -11.18
CA PRO A 76 -25.73 12.74 -9.78
C PRO A 76 -25.39 11.65 -8.78
N MET A 77 -24.17 11.12 -8.88
CA MET A 77 -23.61 10.19 -7.91
C MET A 77 -22.24 10.68 -7.46
N MET A 78 -21.83 10.24 -6.28
CA MET A 78 -20.63 10.80 -5.67
C MET A 78 -19.36 10.46 -6.47
N ILE A 79 -19.36 9.36 -7.22
CA ILE A 79 -18.17 9.03 -7.98
C ILE A 79 -18.00 9.95 -9.18
N ASP A 80 -19.04 10.65 -9.60
CA ASP A 80 -18.97 11.67 -10.63
C ASP A 80 -18.86 13.07 -10.05
N MET A 81 -18.26 13.21 -8.88
CA MET A 81 -18.15 14.49 -8.19
C MET A 81 -16.72 14.69 -7.68
N ASP A 82 -16.36 15.94 -7.46
CA ASP A 82 -15.13 16.32 -6.80
C ASP A 82 -15.43 16.85 -5.41
N ASP A 83 -14.40 16.86 -4.57
CA ASP A 83 -14.52 17.50 -3.27
C ASP A 83 -14.69 19.01 -3.44
N PRO A 84 -15.42 19.68 -2.53
CA PRO A 84 -16.05 19.16 -1.30
C PRO A 84 -17.29 18.30 -1.51
N ALA A 85 -17.98 18.47 -2.64
CA ALA A 85 -19.27 17.80 -2.85
C ALA A 85 -19.14 16.28 -2.70
N HIS A 86 -18.09 15.70 -3.27
CA HIS A 86 -17.86 14.26 -3.18
C HIS A 86 -17.78 13.79 -1.73
N LEU A 87 -16.89 14.39 -0.95
CA LEU A 87 -16.65 13.88 0.41
C LEU A 87 -17.88 14.03 1.29
N LEU A 88 -18.68 15.07 1.08
CA LEU A 88 -19.94 15.19 1.80
C LEU A 88 -20.83 13.98 1.55
N ARG A 89 -20.84 13.49 0.31
CA ARG A 89 -21.65 12.31 0.00
C ARG A 89 -21.04 11.05 0.61
N ARG A 90 -19.72 10.87 0.45
CA ARG A 90 -19.03 9.73 1.02
C ARG A 90 -19.34 9.58 2.51
N LYS A 91 -19.26 10.69 3.26
CA LYS A 91 -19.43 10.65 4.70
C LYS A 91 -20.84 10.27 5.12
N LEU A 92 -21.82 10.37 4.22
CA LEU A 92 -23.19 10.04 4.56
C LEU A 92 -23.43 8.53 4.66
N VAL A 93 -22.64 7.73 3.94
CA VAL A 93 -22.93 6.31 3.77
C VAL A 93 -21.77 5.41 4.12
N ASN A 94 -20.64 5.95 4.54
CA ASN A 94 -19.42 5.14 4.70
C ASN A 94 -19.25 4.55 6.09
N ALA A 95 -20.13 4.88 7.04
CA ALA A 95 -19.97 4.41 8.41
C ALA A 95 -19.91 2.89 8.47
N GLY A 96 -20.83 2.21 7.79
CA GLY A 96 -20.85 0.77 7.77
C GLY A 96 -19.79 0.10 6.94
N PHE A 97 -18.92 0.87 6.27
CA PHE A 97 -17.92 0.30 5.37
C PHE A 97 -16.51 0.35 5.94
N THR A 98 -16.32 0.89 7.14
CA THR A 98 -15.01 0.85 7.77
C THR A 98 -14.60 -0.59 8.02
N ARG A 99 -13.29 -0.78 8.20
CA ARG A 99 -12.76 -2.10 8.51
C ARG A 99 -13.49 -2.72 9.70
N LYS A 100 -13.64 -1.95 10.78
CA LYS A 100 -14.26 -2.48 11.98
C LYS A 100 -15.72 -2.85 11.76
N ARG A 101 -16.47 -1.99 11.06
CA ARG A 101 -17.89 -2.26 10.87
C ARG A 101 -18.11 -3.38 9.87
N VAL A 102 -17.16 -3.60 8.95
CA VAL A 102 -17.26 -4.75 8.06
C VAL A 102 -17.00 -6.04 8.83
N LYS A 103 -16.09 -6.00 9.81
CA LYS A 103 -15.85 -7.18 10.65
C LYS A 103 -17.11 -7.62 11.39
N ASP A 104 -17.98 -6.66 11.77
CA ASP A 104 -19.21 -7.03 12.47
C ASP A 104 -20.17 -7.80 11.59
N LYS A 105 -19.99 -7.76 10.27
CA LYS A 105 -20.82 -8.51 9.34
C LYS A 105 -20.27 -9.89 9.03
N GLU A 106 -19.11 -10.26 9.61
CA GLU A 106 -18.45 -11.51 9.24
C GLU A 106 -19.36 -12.71 9.46
N ARG A 107 -20.06 -12.74 10.59
CA ARG A 107 -20.91 -13.88 10.92
C ARG A 107 -22.02 -14.05 9.89
N SER A 108 -22.70 -12.96 9.54
CA SER A 108 -23.81 -13.05 8.59
C SER A 108 -23.32 -13.34 7.18
N ILE A 109 -22.18 -12.75 6.80
CA ILE A 109 -21.61 -13.06 5.48
C ILE A 109 -21.18 -14.51 5.41
N ALA A 110 -20.64 -15.05 6.51
CA ALA A 110 -20.16 -16.42 6.51
C ALA A 110 -21.31 -17.41 6.32
N GLN A 111 -22.49 -17.11 6.87
CA GLN A 111 -23.61 -18.01 6.71
C GLN A 111 -24.23 -17.92 5.32
N LEU A 112 -24.21 -16.72 4.72
CA LEU A 112 -24.62 -16.61 3.32
C LEU A 112 -23.72 -17.45 2.41
N CYS A 113 -22.43 -17.53 2.75
CA CYS A 113 -21.51 -18.35 1.97
C CYS A 113 -21.86 -19.83 2.07
N ASP A 114 -22.07 -20.32 3.30
CA ASP A 114 -22.38 -21.73 3.46
C ASP A 114 -23.77 -22.06 2.93
N THR A 115 -24.72 -21.12 3.03
CA THR A 115 -26.02 -21.32 2.42
C THR A 115 -25.89 -21.52 0.92
N LEU A 116 -25.05 -20.72 0.26
CA LEU A 116 -24.86 -20.86 -1.18
C LEU A 116 -24.15 -22.16 -1.52
N ILE A 117 -23.15 -22.54 -0.73
CA ILE A 117 -22.46 -23.80 -0.99
C ILE A 117 -23.37 -24.99 -0.70
N ASP A 118 -24.21 -24.87 0.32
CA ASP A 118 -25.19 -25.92 0.61
C ASP A 118 -26.07 -26.22 -0.59
N ALA A 119 -26.32 -25.22 -1.45
CA ALA A 119 -27.23 -25.40 -2.56
C ALA A 119 -26.62 -26.15 -3.74
N VAL A 120 -25.31 -26.40 -3.74
CA VAL A 120 -24.68 -27.07 -4.88
C VAL A 120 -23.80 -28.24 -4.42
N CYS A 121 -23.53 -28.32 -3.12
CA CYS A 121 -22.51 -29.27 -2.66
C CYS A 121 -22.92 -30.72 -2.86
N GLU A 122 -24.22 -31.01 -2.99
CA GLU A 122 -24.67 -32.38 -3.24
C GLU A 122 -24.68 -32.75 -4.72
N ARG A 123 -24.48 -31.79 -5.63
CA ARG A 123 -24.58 -32.06 -7.05
C ARG A 123 -23.27 -32.50 -7.67
N GLY A 124 -22.14 -32.20 -7.05
CA GLY A 124 -20.85 -32.48 -7.64
C GLY A 124 -20.47 -31.58 -8.79
N GLU A 125 -21.33 -30.61 -9.14
CA GLU A 125 -21.07 -29.71 -10.26
C GLU A 125 -21.87 -28.44 -10.03
N CYS A 126 -21.39 -27.34 -10.62
CA CYS A 126 -22.11 -26.08 -10.62
C CYS A 126 -21.39 -25.11 -11.56
N ASP A 127 -22.05 -24.00 -11.83
CA ASP A 127 -21.43 -22.86 -12.49
C ASP A 127 -20.89 -21.95 -11.39
N PHE A 128 -19.57 -21.85 -11.27
CA PHE A 128 -18.99 -21.06 -10.19
C PHE A 128 -19.46 -19.60 -10.25
N VAL A 129 -19.63 -19.08 -11.47
CA VAL A 129 -20.12 -17.70 -11.62
C VAL A 129 -21.58 -17.61 -11.17
N ARG A 130 -22.45 -18.45 -11.75
CA ARG A 130 -23.88 -18.29 -11.54
C ARG A 130 -24.30 -18.65 -10.12
N ASP A 131 -23.72 -19.71 -9.56
CA ASP A 131 -24.21 -20.26 -8.29
C ASP A 131 -23.43 -19.80 -7.07
N LEU A 132 -22.22 -19.30 -7.23
CA LEU A 132 -21.40 -18.93 -6.08
C LEU A 132 -20.89 -17.49 -6.16
N ALA A 133 -20.19 -17.16 -7.25
CA ALA A 133 -19.48 -15.88 -7.32
C ALA A 133 -20.44 -14.71 -7.38
N ALA A 134 -21.43 -14.78 -8.27
CA ALA A 134 -22.35 -13.66 -8.44
C ALA A 134 -23.33 -13.53 -7.27
N PRO A 135 -23.90 -14.61 -6.73
CA PRO A 135 -24.94 -14.41 -5.71
C PRO A 135 -24.43 -13.94 -4.35
N LEU A 136 -23.19 -14.27 -3.93
CA LEU A 136 -22.71 -13.78 -2.64
C LEU A 136 -22.82 -12.26 -2.52
N PRO A 137 -22.05 -11.48 -3.31
CA PRO A 137 -22.01 -10.03 -3.06
C PRO A 137 -23.37 -9.38 -3.26
N MET A 138 -24.19 -9.93 -4.15
CA MET A 138 -25.54 -9.41 -4.32
C MET A 138 -26.34 -9.50 -3.03
N ALA A 139 -26.26 -10.66 -2.35
CA ALA A 139 -26.99 -10.81 -1.10
C ALA A 139 -26.42 -9.91 -0.01
N VAL A 140 -25.09 -9.73 0.01
CA VAL A 140 -24.47 -8.88 1.02
C VAL A 140 -24.91 -7.44 0.84
N ILE A 141 -24.80 -6.90 -0.38
CA ILE A 141 -25.17 -5.52 -0.61
C ILE A 141 -26.69 -5.36 -0.65
N GLY A 142 -27.42 -6.39 -1.08
CA GLY A 142 -28.87 -6.33 -1.01
C GLY A 142 -29.37 -6.14 0.40
N ASP A 143 -28.79 -6.90 1.34
CA ASP A 143 -29.16 -6.76 2.75
C ASP A 143 -28.89 -5.34 3.25
N MET A 144 -27.76 -4.75 2.83
CA MET A 144 -27.44 -3.39 3.26
C MET A 144 -28.33 -2.34 2.59
N LEU A 145 -28.88 -2.67 1.42
CA LEU A 145 -29.76 -1.76 0.70
C LEU A 145 -31.23 -1.99 1.02
N GLY A 146 -31.55 -2.96 1.87
CA GLY A 146 -32.94 -3.27 2.18
C GLY A 146 -33.67 -4.06 1.11
N VAL A 147 -32.93 -4.80 0.28
CA VAL A 147 -33.54 -5.59 -0.79
C VAL A 147 -33.99 -6.93 -0.21
N LEU A 148 -35.24 -7.31 -0.49
CA LEU A 148 -35.75 -8.58 0.02
C LEU A 148 -34.96 -9.74 -0.57
N PRO A 149 -34.74 -10.82 0.19
CA PRO A 149 -33.98 -11.96 -0.35
C PRO A 149 -34.53 -12.51 -1.65
N GLU A 150 -35.86 -12.63 -1.76
CA GLU A 150 -36.45 -13.14 -2.99
C GLU A 150 -36.35 -12.15 -4.15
N GLN A 151 -35.99 -10.89 -3.89
CA GLN A 151 -35.80 -9.91 -4.94
C GLN A 151 -34.34 -9.83 -5.39
N ARG A 152 -33.50 -10.80 -5.00
CA ARG A 152 -32.08 -10.70 -5.26
C ARG A 152 -31.73 -10.99 -6.72
N GLU A 153 -32.28 -12.06 -7.30
CA GLU A 153 -32.03 -12.33 -8.72
C GLU A 153 -32.52 -11.20 -9.60
N MET A 154 -33.65 -10.58 -9.23
CA MET A 154 -34.16 -9.45 -10.00
C MET A 154 -33.16 -8.30 -10.04
N PHE A 155 -32.65 -7.89 -8.87
CA PHE A 155 -31.69 -6.80 -8.84
C PHE A 155 -30.39 -7.19 -9.54
N LEU A 156 -30.00 -8.46 -9.42
CA LEU A 156 -28.82 -8.94 -10.14
C LEU A 156 -29.05 -8.89 -11.65
N ARG A 157 -30.27 -9.22 -12.09
CA ARG A 157 -30.56 -9.18 -13.52
C ARG A 157 -30.54 -7.76 -14.06
N TRP A 158 -31.14 -6.82 -13.33
CA TRP A 158 -31.03 -5.40 -13.70
C TRP A 158 -29.56 -4.97 -13.74
N SER A 159 -28.80 -5.33 -12.70
CA SER A 159 -27.40 -4.93 -12.61
C SER A 159 -26.62 -5.45 -13.81
N ASP A 160 -26.81 -6.74 -14.15
CA ASP A 160 -26.13 -7.30 -15.32
C ASP A 160 -26.47 -6.51 -16.57
N ASP A 161 -27.76 -6.22 -16.78
CA ASP A 161 -28.18 -5.52 -17.99
C ASP A 161 -27.64 -4.10 -18.05
N LEU A 162 -27.26 -3.51 -16.92
CA LEU A 162 -26.79 -2.14 -16.90
C LEU A 162 -25.31 -2.02 -17.27
N VAL A 163 -24.51 -3.07 -17.04
CA VAL A 163 -23.07 -3.01 -17.28
C VAL A 163 -22.61 -3.93 -18.40
N THR A 164 -23.39 -4.94 -18.77
CA THR A 164 -22.95 -5.95 -19.73
C THR A 164 -22.78 -5.38 -21.13
N PHE A 165 -23.53 -4.33 -21.48
CA PHE A 165 -23.54 -3.80 -22.84
C PHE A 165 -22.92 -2.41 -22.92
N LEU A 166 -21.95 -2.13 -22.06
CA LEU A 166 -21.17 -0.90 -22.16
C LEU A 166 -20.04 -1.15 -23.15
N SER A 167 -20.19 -0.65 -24.36
CA SER A 167 -19.23 -0.88 -25.43
C SER A 167 -19.53 0.08 -26.56
N SER A 168 -18.47 0.51 -27.26
CA SER A 168 -18.63 1.41 -28.38
C SER A 168 -19.33 0.78 -29.58
N HIS A 169 -19.45 -0.54 -29.62
CA HIS A 169 -20.07 -1.25 -30.72
C HIS A 169 -21.30 -2.03 -30.25
N VAL A 170 -22.05 -1.46 -29.32
CA VAL A 170 -23.26 -2.09 -28.82
C VAL A 170 -24.38 -1.91 -29.84
N SER A 171 -25.16 -2.97 -30.05
CA SER A 171 -26.31 -2.89 -30.93
C SER A 171 -27.40 -2.01 -30.31
N GLN A 172 -28.27 -1.48 -31.16
CA GLN A 172 -29.38 -0.68 -30.67
C GLN A 172 -30.33 -1.51 -29.80
N GLU A 173 -30.41 -2.82 -30.05
CA GLU A 173 -31.31 -3.64 -29.25
C GLU A 173 -30.73 -3.93 -27.87
N ASP A 174 -29.44 -4.27 -27.80
CA ASP A 174 -28.82 -4.49 -26.51
C ASP A 174 -28.81 -3.21 -25.68
N PHE A 175 -28.64 -2.06 -26.34
CA PHE A 175 -28.79 -0.78 -25.64
C PHE A 175 -30.20 -0.61 -25.10
N GLN A 176 -31.20 -1.13 -25.82
CA GLN A 176 -32.58 -1.08 -25.32
C GLN A 176 -32.72 -1.88 -24.02
N VAL A 177 -32.01 -3.00 -23.91
CA VAL A 177 -32.03 -3.77 -22.68
C VAL A 177 -31.49 -2.93 -21.52
N THR A 178 -30.48 -2.10 -21.78
CA THR A 178 -29.89 -1.28 -20.74
C THR A 178 -30.88 -0.24 -20.23
N ILE A 179 -31.48 0.54 -21.14
CA ILE A 179 -32.40 1.59 -20.71
C ILE A 179 -33.66 0.99 -20.11
N ASP A 180 -34.07 -0.19 -20.57
CA ASP A 180 -35.18 -0.88 -19.94
C ASP A 180 -34.85 -1.23 -18.49
N ALA A 181 -33.67 -1.81 -18.27
CA ALA A 181 -33.27 -2.19 -16.92
C ALA A 181 -33.18 -0.98 -16.01
N PHE A 182 -32.66 0.13 -16.51
CA PHE A 182 -32.61 1.34 -15.69
C PHE A 182 -34.01 1.86 -15.38
N ALA A 183 -34.91 1.81 -16.37
CA ALA A 183 -36.29 2.25 -16.13
C ALA A 183 -36.97 1.39 -15.09
N ALA A 184 -36.82 0.07 -15.19
CA ALA A 184 -37.36 -0.83 -14.18
C ALA A 184 -36.71 -0.58 -12.83
N TYR A 185 -35.39 -0.39 -12.80
CA TYR A 185 -34.73 -0.06 -11.54
C TYR A 185 -35.20 1.28 -11.01
N ASN A 186 -35.41 2.25 -11.91
CA ASN A 186 -35.82 3.58 -11.47
C ASN A 186 -37.22 3.56 -10.87
N ASP A 187 -38.13 2.81 -11.48
CA ASP A 187 -39.49 2.70 -10.94
C ASP A 187 -39.48 2.08 -9.55
N PHE A 188 -38.79 0.94 -9.40
CA PHE A 188 -38.73 0.26 -8.12
C PHE A 188 -38.13 1.15 -7.05
N THR A 189 -36.99 1.79 -7.36
CA THR A 189 -36.29 2.56 -6.34
C THR A 189 -37.09 3.77 -5.92
N ARG A 190 -37.75 4.46 -6.85
CA ARG A 190 -38.52 5.64 -6.51
C ARG A 190 -39.70 5.30 -5.61
N ALA A 191 -40.32 4.13 -5.81
CA ALA A 191 -41.32 3.67 -4.85
C ALA A 191 -40.68 3.37 -3.50
N THR A 192 -39.46 2.83 -3.51
CA THR A 192 -38.74 2.60 -2.26
C THR A 192 -38.33 3.92 -1.61
N ILE A 193 -38.00 4.94 -2.42
CA ILE A 193 -37.76 6.27 -1.88
C ILE A 193 -38.94 6.72 -1.02
N ALA A 194 -40.16 6.58 -1.56
CA ALA A 194 -41.34 7.08 -0.86
C ALA A 194 -41.62 6.28 0.41
N ALA A 195 -41.50 4.95 0.34
CA ALA A 195 -41.74 4.13 1.51
C ALA A 195 -40.77 4.46 2.64
N ARG A 196 -39.51 4.72 2.31
CA ARG A 196 -38.53 5.05 3.33
C ARG A 196 -38.76 6.46 3.88
N ARG A 197 -39.32 7.37 3.07
CA ARG A 197 -39.69 8.68 3.59
C ARG A 197 -40.72 8.54 4.71
N ALA A 198 -41.83 7.87 4.42
CA ALA A 198 -42.89 7.69 5.40
C ALA A 198 -42.42 6.82 6.55
N GLU A 199 -41.93 5.61 6.26
CA GLU A 199 -41.49 4.66 7.26
C GLU A 199 -39.98 4.45 7.14
N PRO A 200 -39.16 5.21 7.86
CA PRO A 200 -37.71 5.05 7.75
C PRO A 200 -37.24 3.71 8.31
N THR A 201 -36.17 3.21 7.74
CA THR A 201 -35.57 1.95 8.18
C THR A 201 -34.09 2.20 8.46
N ASP A 202 -33.31 1.12 8.56
CA ASP A 202 -31.88 1.21 8.79
C ASP A 202 -31.06 0.91 7.55
N ASP A 203 -31.70 0.57 6.43
CA ASP A 203 -30.96 0.27 5.22
C ASP A 203 -30.36 1.55 4.63
N LEU A 204 -29.42 1.38 3.70
CA LEU A 204 -28.68 2.51 3.16
C LEU A 204 -29.58 3.47 2.40
N VAL A 205 -30.66 2.97 1.79
CA VAL A 205 -31.58 3.84 1.07
C VAL A 205 -32.24 4.81 2.03
N SER A 206 -32.68 4.32 3.19
CA SER A 206 -33.32 5.21 4.17
C SER A 206 -32.31 6.20 4.73
N VAL A 207 -31.07 5.77 4.93
CA VAL A 207 -30.01 6.70 5.35
C VAL A 207 -29.84 7.79 4.29
N LEU A 208 -29.91 7.41 3.02
CA LEU A 208 -29.80 8.39 1.94
C LEU A 208 -30.97 9.36 1.95
N VAL A 209 -32.19 8.85 2.12
CA VAL A 209 -33.38 9.69 2.07
C VAL A 209 -33.36 10.73 3.17
N SER A 210 -32.96 10.34 4.38
CA SER A 210 -32.94 11.25 5.52
C SER A 210 -31.70 12.12 5.58
N SER A 211 -30.81 12.02 4.60
CA SER A 211 -29.56 12.78 4.62
C SER A 211 -29.79 14.22 4.18
N GLU A 212 -28.88 15.10 4.61
CA GLU A 212 -28.89 16.49 4.20
C GLU A 212 -27.46 16.92 3.91
N VAL A 213 -27.28 17.71 2.85
CA VAL A 213 -25.99 18.28 2.48
C VAL A 213 -26.15 19.79 2.43
N ASP A 214 -25.23 20.50 3.07
CA ASP A 214 -25.28 21.94 3.30
C ASP A 214 -26.70 22.43 3.63
N GLY A 215 -27.44 21.63 4.39
CA GLY A 215 -28.73 22.03 4.91
C GLY A 215 -29.93 21.50 4.15
N GLU A 216 -29.75 20.95 2.96
CA GLU A 216 -30.86 20.50 2.14
C GLU A 216 -30.75 19.01 1.83
N ARG A 217 -31.91 18.37 1.74
CA ARG A 217 -31.97 16.96 1.40
C ARG A 217 -31.62 16.76 -0.08
N LEU A 218 -31.25 15.53 -0.40
CA LEU A 218 -30.88 15.17 -1.76
C LEU A 218 -32.11 15.02 -2.64
N SER A 219 -31.94 15.32 -3.91
CA SER A 219 -33.01 15.11 -4.87
C SER A 219 -33.21 13.63 -5.12
N ASP A 220 -34.42 13.34 -5.58
CA ASP A 220 -34.77 11.94 -5.92
C ASP A 220 -33.85 11.54 -7.06
N ASP A 221 -33.47 12.48 -7.93
CA ASP A 221 -32.59 12.04 -9.01
C ASP A 221 -31.27 11.53 -8.45
N GLU A 222 -30.70 12.25 -7.49
CA GLU A 222 -29.44 11.81 -6.89
C GLU A 222 -29.64 10.58 -6.01
N LEU A 223 -30.70 10.58 -5.19
CA LEU A 223 -31.01 9.43 -4.36
C LEU A 223 -31.06 8.15 -5.17
N VAL A 224 -31.69 8.19 -6.35
CA VAL A 224 -31.79 7.02 -7.20
C VAL A 224 -30.41 6.62 -7.73
N MET A 225 -29.58 7.61 -8.05
CA MET A 225 -28.28 7.29 -8.63
C MET A 225 -27.24 6.92 -7.57
N GLU A 226 -27.30 7.51 -6.38
CA GLU A 226 -26.39 7.10 -5.31
C GLU A 226 -26.69 5.67 -4.87
N THR A 227 -27.97 5.29 -4.86
CA THR A 227 -28.33 3.91 -4.55
C THR A 227 -27.84 2.96 -5.63
N LEU A 228 -27.91 3.39 -6.90
CA LEU A 228 -27.45 2.54 -8.00
C LEU A 228 -25.93 2.36 -7.96
N LEU A 229 -25.21 3.43 -7.63
CA LEU A 229 -23.76 3.35 -7.49
C LEU A 229 -23.37 2.31 -6.43
N ILE A 230 -24.05 2.32 -5.30
CA ILE A 230 -23.75 1.36 -4.24
C ILE A 230 -24.15 -0.04 -4.69
N LEU A 231 -25.23 -0.16 -5.45
CA LEU A 231 -25.69 -1.47 -5.90
C LEU A 231 -24.72 -2.09 -6.91
N ILE A 232 -24.34 -1.33 -7.94
CA ILE A 232 -23.44 -1.86 -8.96
C ILE A 232 -22.04 -2.08 -8.39
N GLY A 233 -21.56 -1.14 -7.57
CA GLY A 233 -20.28 -1.34 -6.91
C GLY A 233 -20.27 -2.61 -6.08
N GLY A 234 -21.39 -2.95 -5.47
CA GLY A 234 -21.48 -4.16 -4.68
C GLY A 234 -21.62 -5.45 -5.47
N ASP A 235 -22.40 -5.44 -6.56
CA ASP A 235 -22.79 -6.69 -7.20
C ASP A 235 -22.24 -6.89 -8.60
N GLU A 236 -21.36 -6.00 -9.09
CA GLU A 236 -20.75 -6.20 -10.40
C GLU A 236 -19.23 -6.13 -10.34
N THR A 237 -18.63 -6.36 -9.17
CA THR A 237 -17.19 -6.21 -9.01
C THR A 237 -16.57 -7.44 -8.34
N THR A 238 -16.88 -7.62 -7.05
CA THR A 238 -16.32 -8.73 -6.28
C THR A 238 -16.56 -10.07 -6.96
N ARG A 239 -17.71 -10.22 -7.63
CA ARG A 239 -18.03 -11.48 -8.31
C ARG A 239 -16.95 -11.87 -9.30
N HIS A 240 -16.29 -10.91 -9.93
CA HIS A 240 -15.31 -11.20 -10.97
C HIS A 240 -13.96 -11.60 -10.37
N THR A 241 -13.61 -11.05 -9.21
CA THR A 241 -12.42 -11.51 -8.50
C THR A 241 -12.64 -12.92 -7.93
N LEU A 242 -13.84 -13.19 -7.43
CA LEU A 242 -14.16 -14.53 -6.92
C LEU A 242 -13.99 -15.58 -8.00
N SER A 243 -14.57 -15.34 -9.18
CA SER A 243 -14.52 -16.35 -10.24
C SER A 243 -13.14 -16.38 -10.91
N GLY A 244 -12.63 -15.21 -11.32
CA GLY A 244 -11.35 -15.18 -11.99
C GLY A 244 -10.20 -15.58 -11.08
N GLY A 245 -10.23 -15.15 -9.82
CA GLY A 245 -9.20 -15.56 -8.88
C GLY A 245 -9.24 -17.06 -8.61
N SER A 246 -10.45 -17.61 -8.42
CA SER A 246 -10.56 -19.05 -8.23
C SER A 246 -10.11 -19.81 -9.48
N GLU A 247 -10.36 -19.25 -10.67
CA GLU A 247 -9.84 -19.89 -11.88
C GLU A 247 -8.33 -19.98 -11.84
N GLN A 248 -7.65 -18.92 -11.39
CA GLN A 248 -6.19 -18.94 -11.34
C GLN A 248 -5.69 -19.94 -10.32
N LEU A 249 -6.39 -20.10 -9.20
CA LEU A 249 -6.02 -21.15 -8.25
C LEU A 249 -6.17 -22.54 -8.87
N LEU A 250 -7.14 -22.72 -9.76
CA LEU A 250 -7.36 -24.03 -10.38
C LEU A 250 -6.41 -24.26 -11.53
N ARG A 251 -6.10 -23.22 -12.31
CA ARG A 251 -5.14 -23.36 -13.41
C ARG A 251 -3.72 -23.46 -12.91
N ASN A 252 -3.46 -23.09 -11.66
CA ASN A 252 -2.15 -23.23 -11.01
C ASN A 252 -2.36 -24.02 -9.72
N ARG A 253 -2.56 -25.34 -9.85
CA ARG A 253 -2.91 -26.19 -8.70
C ARG A 253 -1.96 -26.00 -7.53
N ASP A 254 -0.68 -25.72 -7.79
CA ASP A 254 0.28 -25.54 -6.72
C ASP A 254 -0.14 -24.41 -5.78
N GLN A 255 -0.74 -23.36 -6.34
N GLN A 255 -0.74 -23.36 -6.34
CA GLN A 255 -1.28 -22.30 -5.51
CA GLN A 255 -1.29 -22.29 -5.50
C GLN A 255 -2.49 -22.79 -4.72
C GLN A 255 -2.51 -22.78 -4.73
N TRP A 256 -3.36 -23.58 -5.37
CA TRP A 256 -4.50 -24.16 -4.68
C TRP A 256 -4.05 -25.11 -3.58
N ASP A 257 -2.97 -25.86 -3.83
CA ASP A 257 -2.45 -26.78 -2.83
C ASP A 257 -1.79 -26.02 -1.67
N LEU A 258 -1.10 -24.92 -1.98
CA LEU A 258 -0.51 -24.09 -0.94
C LEU A 258 -1.56 -23.65 0.07
N LEU A 259 -2.75 -23.32 -0.43
CA LEU A 259 -3.73 -22.63 0.41
C LEU A 259 -4.39 -23.62 1.36
N GLN A 260 -4.57 -24.86 0.90
CA GLN A 260 -5.07 -25.93 1.77
C GLN A 260 -4.03 -26.37 2.79
N SER A 261 -2.76 -26.45 2.38
CA SER A 261 -1.73 -26.86 3.31
C SER A 261 -1.48 -25.81 4.37
N ASP A 262 -1.79 -24.54 4.09
CA ASP A 262 -1.57 -23.45 5.04
C ASP A 262 -2.62 -22.38 4.77
N ARG A 263 -3.71 -22.40 5.55
CA ARG A 263 -4.85 -21.44 5.36
C ARG A 263 -4.46 -20.02 5.77
N GLU A 264 -3.34 -19.86 6.47
CA GLU A 264 -2.88 -18.51 6.79
C GLU A 264 -2.46 -17.73 5.57
N LEU A 265 -2.26 -18.39 4.43
CA LEU A 265 -1.92 -17.72 3.17
C LEU A 265 -3.13 -17.15 2.46
N LEU A 266 -4.33 -17.33 3.02
CA LEU A 266 -5.54 -16.81 2.37
C LEU A 266 -5.51 -15.31 2.15
N PRO A 267 -5.19 -14.46 3.14
CA PRO A 267 -5.22 -13.01 2.89
C PRO A 267 -4.31 -12.59 1.74
N GLY A 268 -3.13 -13.20 1.63
CA GLY A 268 -2.29 -12.94 0.48
C GLY A 268 -2.87 -13.45 -0.82
N ALA A 269 -3.56 -14.59 -0.77
CA ALA A 269 -4.23 -15.12 -1.95
C ALA A 269 -5.29 -14.15 -2.46
N ILE A 270 -6.08 -13.57 -1.54
CA ILE A 270 -7.12 -12.61 -1.91
C ILE A 270 -6.51 -11.41 -2.62
N GLU A 271 -5.38 -10.90 -2.10
CA GLU A 271 -4.76 -9.74 -2.72
C GLU A 271 -4.26 -10.06 -4.12
N GLU A 272 -3.74 -11.27 -4.33
CA GLU A 272 -3.29 -11.66 -5.66
C GLU A 272 -4.46 -11.89 -6.60
N MET A 273 -5.59 -12.38 -6.08
CA MET A 273 -6.79 -12.50 -6.89
C MET A 273 -7.27 -11.12 -7.33
N LEU A 274 -7.21 -10.14 -6.43
CA LEU A 274 -7.60 -8.77 -6.78
C LEU A 274 -6.68 -8.19 -7.86
N ARG A 275 -5.36 -8.28 -7.65
CA ARG A 275 -4.42 -7.76 -8.63
C ARG A 275 -4.66 -8.36 -10.01
N TRP A 276 -4.82 -9.68 -10.06
CA TRP A 276 -4.89 -10.39 -11.33
C TRP A 276 -6.16 -10.06 -12.10
N THR A 277 -7.31 -10.02 -11.41
CA THR A 277 -8.59 -9.97 -12.10
C THR A 277 -9.01 -8.55 -12.47
N ALA A 278 -8.63 -7.55 -11.66
CA ALA A 278 -8.97 -6.14 -11.86
C ALA A 278 -10.36 -5.95 -12.45
N PRO A 279 -11.42 -6.26 -11.69
CA PRO A 279 -12.77 -6.22 -12.29
C PRO A 279 -13.13 -4.87 -12.88
N VAL A 280 -12.75 -3.78 -12.23
CA VAL A 280 -12.94 -2.45 -12.80
C VAL A 280 -11.75 -2.20 -13.73
N LYS A 281 -11.99 -2.28 -15.04
CA LYS A 281 -10.90 -2.20 -16.00
C LYS A 281 -10.38 -0.78 -16.15
N ASN A 282 -11.23 0.23 -15.97
CA ASN A 282 -10.80 1.61 -16.10
C ASN A 282 -11.77 2.54 -15.38
N MET A 283 -11.28 3.73 -15.08
CA MET A 283 -12.08 4.88 -14.69
C MET A 283 -11.56 6.09 -15.45
N CYS A 284 -12.47 6.98 -15.85
CA CYS A 284 -12.08 8.16 -16.59
C CYS A 284 -11.82 9.34 -15.65
N ARG A 285 -10.95 10.23 -16.11
CA ARG A 285 -10.76 11.55 -15.50
C ARG A 285 -10.87 12.58 -16.60
N MET A 286 -11.36 13.76 -16.25
CA MET A 286 -11.45 14.87 -17.20
C MET A 286 -10.44 15.93 -16.84
N LEU A 287 -9.64 16.33 -17.81
CA LEU A 287 -8.66 17.39 -17.60
C LEU A 287 -9.36 18.72 -17.38
N THR A 288 -8.92 19.46 -16.37
CA THR A 288 -9.43 20.80 -16.10
C THR A 288 -8.57 21.89 -16.69
N ALA A 289 -7.45 21.53 -17.32
CA ALA A 289 -6.57 22.48 -17.98
C ALA A 289 -5.62 21.69 -18.88
N ASP A 290 -5.09 22.38 -19.90
CA ASP A 290 -4.01 21.81 -20.68
C ASP A 290 -2.83 21.52 -19.76
N THR A 291 -2.18 20.37 -19.98
CA THR A 291 -1.05 20.01 -19.14
C THR A 291 -0.11 19.11 -19.92
N GLU A 292 1.11 18.98 -19.39
CA GLU A 292 2.08 18.01 -19.86
C GLU A 292 2.20 16.92 -18.82
N PHE A 293 1.80 15.70 -19.19
CA PHE A 293 1.67 14.59 -18.25
C PHE A 293 2.46 13.42 -18.80
N HIS A 294 3.56 13.07 -18.14
CA HIS A 294 4.42 11.96 -18.54
C HIS A 294 4.78 12.04 -20.02
N GLY A 295 5.20 13.23 -20.45
CA GLY A 295 5.62 13.45 -21.82
C GLY A 295 4.51 13.58 -22.83
N THR A 296 3.25 13.40 -22.45
CA THR A 296 2.12 13.50 -23.36
C THR A 296 1.33 14.77 -23.07
N ALA A 297 1.00 15.52 -24.12
CA ALA A 297 0.25 16.75 -23.98
C ALA A 297 -1.23 16.45 -23.89
N LEU A 298 -1.87 16.86 -22.79
CA LEU A 298 -3.29 16.63 -22.58
C LEU A 298 -4.03 17.96 -22.63
N SER A 299 -5.19 17.95 -23.29
CA SER A 299 -5.98 19.15 -23.49
C SER A 299 -7.12 19.22 -22.48
N GLU A 300 -7.45 20.45 -22.07
CA GLU A 300 -8.56 20.67 -21.16
C GLU A 300 -9.86 20.14 -21.77
N GLY A 301 -10.66 19.45 -20.95
CA GLY A 301 -11.93 18.92 -21.37
C GLY A 301 -11.90 17.50 -21.89
N GLU A 302 -10.73 16.97 -22.27
CA GLU A 302 -10.68 15.61 -22.75
C GLU A 302 -10.59 14.63 -21.58
N LYS A 303 -11.03 13.40 -21.83
CA LYS A 303 -11.02 12.35 -20.83
C LYS A 303 -9.81 11.44 -21.01
N ILE A 304 -9.30 10.93 -19.89
CA ILE A 304 -8.22 9.96 -19.89
C ILE A 304 -8.65 8.77 -19.04
N MET A 305 -8.39 7.55 -19.54
CA MET A 305 -8.71 6.33 -18.81
C MET A 305 -7.55 5.95 -17.89
N LEU A 306 -7.88 5.60 -16.65
CA LEU A 306 -6.92 4.96 -15.75
C LEU A 306 -7.04 3.45 -15.96
N LEU A 307 -5.99 2.85 -16.54
CA LEU A 307 -6.01 1.43 -16.89
C LEU A 307 -5.49 0.63 -15.70
N PHE A 308 -6.42 0.22 -14.81
CA PHE A 308 -6.03 -0.41 -13.56
C PHE A 308 -5.40 -1.78 -13.78
N GLU A 309 -5.91 -2.55 -14.76
CA GLU A 309 -5.31 -3.85 -15.03
C GLU A 309 -3.90 -3.71 -15.57
N SER A 310 -3.66 -2.72 -16.43
CA SER A 310 -2.30 -2.49 -16.91
C SER A 310 -1.36 -2.13 -15.76
N ALA A 311 -1.81 -1.25 -14.86
CA ALA A 311 -0.98 -0.90 -13.72
C ALA A 311 -0.71 -2.10 -12.82
N ASN A 312 -1.68 -3.01 -12.71
CA ASN A 312 -1.53 -4.18 -11.86
C ASN A 312 -0.53 -5.19 -12.39
N PHE A 313 -0.14 -5.08 -13.67
CA PHE A 313 0.84 -5.98 -14.26
C PHE A 313 2.09 -5.21 -14.68
N ASP A 314 2.36 -4.09 -14.01
CA ASP A 314 3.50 -3.23 -14.35
C ASP A 314 4.77 -3.84 -13.76
N GLU A 315 5.72 -4.17 -14.65
CA GLU A 315 7.00 -4.74 -14.22
C GLU A 315 7.84 -3.78 -13.42
N ALA A 316 7.57 -2.47 -13.52
CA ALA A 316 8.32 -1.50 -12.73
C ALA A 316 7.96 -1.57 -11.25
N VAL A 317 6.85 -2.23 -10.91
CA VAL A 317 6.37 -2.30 -9.55
C VAL A 317 6.38 -3.73 -9.02
N PHE A 318 5.98 -4.69 -9.85
CA PHE A 318 5.81 -6.08 -9.44
C PHE A 318 6.89 -6.96 -10.05
N THR A 319 7.40 -7.90 -9.25
CA THR A 319 8.33 -8.90 -9.77
C THR A 319 7.54 -10.02 -10.44
N ASP A 320 7.87 -10.29 -11.71
CA ASP A 320 7.21 -11.33 -12.49
C ASP A 320 5.69 -11.18 -12.41
N PRO A 321 5.12 -10.11 -12.97
CA PRO A 321 3.67 -9.88 -12.81
C PRO A 321 2.80 -10.89 -13.53
N GLU A 322 3.35 -11.64 -14.49
CA GLU A 322 2.57 -12.64 -15.19
C GLU A 322 2.49 -13.96 -14.42
N LYS A 323 3.20 -14.10 -13.31
CA LYS A 323 3.04 -15.25 -12.44
C LYS A 323 1.94 -14.98 -11.41
N PHE A 324 1.00 -15.91 -11.27
CA PHE A 324 0.00 -15.82 -10.22
C PHE A 324 0.61 -16.39 -8.95
N ASP A 325 0.85 -15.54 -7.96
CA ASP A 325 1.66 -15.89 -6.78
C ASP A 325 0.96 -15.33 -5.55
N ILE A 326 0.30 -16.21 -4.79
CA ILE A 326 -0.44 -15.78 -3.60
C ILE A 326 0.47 -15.33 -2.47
N GLN A 327 1.77 -15.62 -2.56
CA GLN A 327 2.73 -15.19 -1.56
C GLN A 327 3.37 -13.85 -1.91
N ARG A 328 2.90 -13.19 -2.96
CA ARG A 328 3.40 -11.87 -3.33
C ARG A 328 3.15 -10.88 -2.20
N ASN A 329 4.22 -10.19 -1.78
CA ASN A 329 4.14 -9.27 -0.64
C ASN A 329 5.35 -8.35 -0.64
N PRO A 330 5.16 -7.02 -0.76
CA PRO A 330 3.88 -6.33 -0.86
C PRO A 330 3.19 -6.54 -2.21
N ASN A 331 1.87 -6.39 -2.21
CA ASN A 331 1.04 -6.51 -3.40
C ASN A 331 0.21 -5.23 -3.51
N SER A 332 0.87 -4.13 -3.88
CA SER A 332 0.23 -2.82 -3.87
C SER A 332 -0.60 -2.60 -5.13
N HIS A 333 -1.47 -3.55 -5.46
CA HIS A 333 -2.28 -3.44 -6.66
C HIS A 333 -3.22 -2.25 -6.58
N LEU A 334 -3.78 -1.88 -7.74
CA LEU A 334 -4.70 -0.75 -7.87
C LEU A 334 -6.08 -1.21 -8.30
N ALA A 335 -6.47 -2.43 -7.92
CA ALA A 335 -7.81 -2.90 -8.24
C ALA A 335 -8.87 -1.97 -7.67
N PHE A 336 -8.61 -1.41 -6.49
CA PHE A 336 -9.53 -0.49 -5.83
C PHE A 336 -9.21 0.97 -6.12
N GLY A 337 -8.32 1.23 -7.07
CA GLY A 337 -7.95 2.61 -7.35
C GLY A 337 -7.03 3.17 -6.28
N PHE A 338 -7.05 4.49 -6.15
CA PHE A 338 -6.17 5.22 -5.25
C PHE A 338 -6.65 6.65 -5.13
N GLY A 339 -6.41 7.25 -3.97
CA GLY A 339 -6.75 8.65 -3.77
C GLY A 339 -8.17 8.94 -3.34
N THR A 340 -8.70 10.07 -3.81
CA THR A 340 -9.97 10.59 -3.33
C THR A 340 -11.09 9.56 -3.44
N HIS A 341 -11.13 8.81 -4.52
CA HIS A 341 -12.24 7.91 -4.81
C HIS A 341 -11.91 6.45 -4.54
N PHE A 342 -10.80 6.19 -3.83
CA PHE A 342 -10.43 4.83 -3.43
C PHE A 342 -11.63 4.06 -2.91
N CYS A 343 -11.81 2.84 -3.42
CA CYS A 343 -13.05 2.10 -3.27
C CYS A 343 -13.59 2.12 -1.85
N MET A 344 -14.82 2.63 -1.69
CA MET A 344 -15.44 2.66 -0.37
C MET A 344 -15.76 1.26 0.14
N GLY A 345 -16.02 0.32 -0.76
CA GLY A 345 -16.38 -1.02 -0.35
C GLY A 345 -15.20 -1.97 -0.33
N ASN A 346 -13.98 -1.44 -0.31
CA ASN A 346 -12.80 -2.29 -0.44
C ASN A 346 -12.68 -3.27 0.73
N GLN A 347 -13.00 -2.82 1.95
CA GLN A 347 -12.94 -3.71 3.10
C GLN A 347 -14.05 -4.76 3.04
N LEU A 348 -15.23 -4.37 2.57
CA LEU A 348 -16.33 -5.31 2.43
C LEU A 348 -16.03 -6.37 1.36
N ALA A 349 -15.44 -5.94 0.25
CA ALA A 349 -15.10 -6.89 -0.81
C ALA A 349 -14.01 -7.85 -0.37
N ARG A 350 -13.03 -7.37 0.40
CA ARG A 350 -11.98 -8.25 0.90
C ARG A 350 -12.54 -9.28 1.87
N LEU A 351 -13.56 -8.93 2.65
CA LEU A 351 -14.15 -9.90 3.56
C LEU A 351 -15.01 -10.91 2.81
N GLU A 352 -15.80 -10.44 1.83
CA GLU A 352 -16.56 -11.36 0.98
C GLU A 352 -15.62 -12.37 0.32
N LEU A 353 -14.50 -11.88 -0.21
CA LEU A 353 -13.55 -12.76 -0.89
C LEU A 353 -12.92 -13.74 0.10
N SER A 354 -12.49 -13.23 1.26
CA SER A 354 -11.88 -14.09 2.27
C SER A 354 -12.82 -15.22 2.67
N LEU A 355 -14.06 -14.89 3.02
CA LEU A 355 -14.96 -15.89 3.59
C LEU A 355 -15.41 -16.90 2.54
N MET A 356 -15.76 -16.45 1.34
CA MET A 356 -16.26 -17.39 0.34
C MET A 356 -15.14 -18.29 -0.18
N THR A 357 -13.95 -17.72 -0.42
CA THR A 357 -12.83 -18.53 -0.86
C THR A 357 -12.45 -19.56 0.20
N ALA A 358 -12.41 -19.15 1.47
CA ALA A 358 -12.07 -20.08 2.54
C ALA A 358 -13.02 -21.27 2.58
N ARG A 359 -14.29 -21.03 2.29
CA ARG A 359 -15.25 -22.13 2.34
C ARG A 359 -15.28 -22.94 1.06
N VAL A 360 -14.95 -22.33 -0.08
CA VAL A 360 -14.75 -23.09 -1.30
C VAL A 360 -13.60 -24.06 -1.12
N VAL A 361 -12.49 -23.57 -0.59
CA VAL A 361 -11.28 -24.38 -0.42
C VAL A 361 -11.49 -25.48 0.61
N GLN A 362 -12.28 -25.20 1.65
CA GLN A 362 -12.51 -26.19 2.71
C GLN A 362 -13.60 -27.18 2.33
N ARG A 363 -14.69 -26.70 1.72
CA ARG A 363 -15.85 -27.56 1.47
C ARG A 363 -15.86 -28.16 0.08
N LEU A 364 -15.12 -27.60 -0.88
CA LEU A 364 -14.95 -28.19 -2.21
C LEU A 364 -13.47 -28.47 -2.45
N PRO A 365 -12.87 -29.37 -1.67
CA PRO A 365 -11.40 -29.46 -1.64
C PRO A 365 -10.80 -30.00 -2.94
N ASP A 366 -11.52 -30.84 -3.67
CA ASP A 366 -11.02 -31.34 -4.96
C ASP A 366 -11.67 -30.62 -6.14
N LEU A 367 -11.95 -29.32 -5.97
CA LEU A 367 -12.55 -28.54 -7.05
C LEU A 367 -11.63 -28.49 -8.26
N ARG A 368 -12.24 -28.56 -9.44
CA ARG A 368 -11.51 -28.43 -10.69
C ARG A 368 -12.46 -27.92 -11.75
N LEU A 369 -11.89 -27.33 -12.80
CA LEU A 369 -12.71 -26.90 -13.93
C LEU A 369 -13.27 -28.11 -14.65
N ALA A 370 -14.43 -27.94 -15.27
CA ALA A 370 -15.03 -29.03 -16.03
C ALA A 370 -14.20 -29.37 -17.27
N ASP A 371 -13.72 -28.35 -17.99
CA ASP A 371 -12.91 -28.53 -19.18
C ASP A 371 -11.67 -27.65 -19.07
N GLN A 372 -10.55 -28.23 -18.62
CA GLN A 372 -9.32 -27.46 -18.48
C GLN A 372 -8.78 -27.01 -19.82
N ASP A 373 -9.09 -27.72 -20.91
CA ASP A 373 -8.51 -27.38 -22.19
C ASP A 373 -9.22 -26.22 -22.87
N SER A 374 -10.52 -26.06 -22.68
CA SER A 374 -11.19 -24.89 -23.21
C SER A 374 -10.88 -23.65 -22.38
N ARG A 375 -11.03 -22.49 -23.00
CA ARG A 375 -10.88 -21.22 -22.33
C ARG A 375 -12.24 -20.66 -21.97
N LEU A 376 -12.35 -20.07 -20.79
CA LEU A 376 -13.63 -19.52 -20.38
C LEU A 376 -13.80 -18.12 -20.99
N PRO A 377 -15.01 -17.80 -21.47
CA PRO A 377 -15.20 -16.51 -22.14
C PRO A 377 -15.32 -15.36 -21.16
N LEU A 378 -14.67 -14.25 -21.51
CA LEU A 378 -14.77 -13.01 -20.73
C LEU A 378 -15.88 -12.15 -21.28
N ARG A 379 -16.43 -11.29 -20.42
CA ARG A 379 -17.53 -10.42 -20.83
C ARG A 379 -17.02 -9.28 -21.67
N PRO A 380 -17.48 -9.13 -22.93
CA PRO A 380 -16.97 -8.03 -23.79
C PRO A 380 -17.61 -6.70 -23.50
N ALA A 381 -17.20 -6.08 -22.39
CA ALA A 381 -17.67 -4.77 -22.00
C ALA A 381 -16.47 -3.95 -21.53
N ASN A 382 -16.62 -2.63 -21.56
CA ASN A 382 -15.48 -1.73 -21.39
C ASN A 382 -15.34 -1.15 -19.99
N PHE A 383 -16.20 -1.53 -19.04
CA PHE A 383 -16.14 -0.97 -17.70
C PHE A 383 -15.76 -2.04 -16.68
N VAL A 384 -16.73 -2.83 -16.25
CA VAL A 384 -16.46 -4.00 -15.42
C VAL A 384 -16.57 -5.24 -16.30
N SER A 385 -15.67 -6.19 -16.08
CA SER A 385 -15.66 -7.40 -16.89
C SER A 385 -15.02 -8.54 -16.12
N GLY A 386 -15.48 -9.75 -16.43
CA GLY A 386 -14.94 -10.95 -15.86
C GLY A 386 -15.47 -12.16 -16.57
N LEU A 387 -15.32 -13.32 -15.94
CA LEU A 387 -15.77 -14.57 -16.53
C LEU A 387 -17.28 -14.58 -16.68
N GLU A 388 -17.75 -14.97 -17.87
CA GLU A 388 -19.18 -15.09 -18.10
C GLU A 388 -19.74 -16.33 -17.43
N SER A 389 -19.00 -17.44 -17.49
CA SER A 389 -19.39 -18.67 -16.82
C SER A 389 -18.12 -19.42 -16.44
N MET A 390 -18.29 -20.44 -15.60
CA MET A 390 -17.18 -21.21 -15.08
C MET A 390 -17.64 -22.57 -14.60
N PRO A 391 -17.89 -23.52 -15.51
CA PRO A 391 -18.34 -24.86 -15.08
C PRO A 391 -17.24 -25.58 -14.31
N VAL A 392 -17.57 -26.01 -13.10
CA VAL A 392 -16.64 -26.73 -12.23
C VAL A 392 -17.27 -28.02 -11.78
N VAL A 393 -16.42 -28.95 -11.33
CA VAL A 393 -16.86 -30.22 -10.78
C VAL A 393 -16.08 -30.48 -9.50
N PHE A 394 -16.69 -31.28 -8.62
CA PHE A 394 -16.12 -31.56 -7.30
C PHE A 394 -16.80 -32.81 -6.75
N THR A 395 -16.18 -33.38 -5.71
CA THR A 395 -16.79 -34.53 -5.05
C THR A 395 -17.94 -34.05 -4.17
N PRO A 396 -19.13 -34.64 -4.31
CA PRO A 396 -20.27 -34.18 -3.51
C PRO A 396 -20.05 -34.40 -2.01
N SER A 397 -20.67 -33.52 -1.22
CA SER A 397 -20.66 -33.60 0.23
C SER A 397 -22.03 -33.17 0.74
N ARG A 398 -22.20 -33.25 2.08
CA ARG A 398 -23.51 -32.93 2.64
C ARG A 398 -23.58 -31.47 3.06
N PRO A 399 -24.77 -30.87 3.01
CA PRO A 399 -24.92 -29.48 3.47
C PRO A 399 -24.77 -29.38 4.98
N LEU A 400 -24.63 -28.14 5.44
CA LEU A 400 -24.50 -27.85 6.86
C LEU A 400 -25.85 -27.64 7.52
N ILE B 6 -4.94 4.97 32.39
CA ILE B 6 -4.58 6.33 32.76
C ILE B 6 -3.64 6.93 31.72
N LYS B 7 -3.85 8.22 31.44
CA LYS B 7 -3.05 9.00 30.51
C LYS B 7 -1.56 8.83 30.80
N PRO B 8 -0.76 8.41 29.83
CA PRO B 8 0.68 8.27 30.07
C PRO B 8 1.35 9.62 30.24
N ASP B 9 2.45 9.62 31.00
CA ASP B 9 3.27 10.81 31.22
C ASP B 9 4.53 10.69 30.37
N VAL B 10 4.49 11.26 29.17
CA VAL B 10 5.54 11.05 28.19
C VAL B 10 6.03 12.39 27.67
N ASP B 11 7.34 12.48 27.46
CA ASP B 11 7.99 13.54 26.70
C ASP B 11 8.44 12.91 25.39
N LEU B 12 7.73 13.22 24.30
CA LEU B 12 8.00 12.54 23.03
C LEU B 12 9.33 12.94 22.41
N THR B 13 10.07 13.83 23.04
CA THR B 13 11.42 14.17 22.62
C THR B 13 12.48 13.57 23.54
N ASP B 14 12.07 12.82 24.57
CA ASP B 14 12.99 12.15 25.47
C ASP B 14 13.34 10.77 24.90
N GLY B 15 14.63 10.51 24.73
CA GLY B 15 15.04 9.25 24.14
C GLY B 15 14.65 8.04 24.96
N ASN B 16 14.54 8.20 26.28
CA ASN B 16 14.19 7.07 27.15
C ASN B 16 12.78 6.55 26.89
N PHE B 17 11.89 7.40 26.36
CA PHE B 17 10.57 6.92 25.97
C PHE B 17 10.67 5.85 24.89
N TYR B 18 11.51 6.08 23.89
CA TYR B 18 11.62 5.16 22.77
C TYR B 18 12.41 3.91 23.09
N ALA B 19 13.22 3.95 24.16
CA ALA B 19 13.89 2.76 24.66
C ALA B 19 13.05 2.00 25.67
N SER B 20 11.92 2.57 26.10
CA SER B 20 11.02 1.92 27.04
C SER B 20 10.05 1.03 26.29
N ARG B 21 9.84 -0.18 26.80
CA ARG B 21 8.95 -1.12 26.15
C ARG B 21 7.50 -0.99 26.60
N GLN B 22 7.15 0.09 27.30
CA GLN B 22 5.75 0.48 27.46
C GLN B 22 5.35 1.58 26.48
N ALA B 23 6.21 1.89 25.49
CA ALA B 23 5.86 2.92 24.52
C ALA B 23 4.62 2.54 23.73
N ARG B 24 4.49 1.26 23.35
CA ARG B 24 3.34 0.85 22.55
C ARG B 24 2.05 0.91 23.35
N GLU B 25 2.11 0.70 24.66
CA GLU B 25 0.91 0.88 25.48
C GLU B 25 0.58 2.36 25.62
N ALA B 26 1.59 3.23 25.66
CA ALA B 26 1.32 4.67 25.59
C ALA B 26 0.70 5.04 24.25
N TYR B 27 1.22 4.47 23.16
CA TYR B 27 0.61 4.69 21.84
C TYR B 27 -0.84 4.24 21.83
N ARG B 28 -1.13 3.10 22.47
CA ARG B 28 -2.49 2.57 22.46
C ARG B 28 -3.46 3.52 23.16
N TRP B 29 -3.02 4.14 24.25
CA TRP B 29 -3.86 5.13 24.92
C TRP B 29 -4.13 6.33 23.99
N MET B 30 -3.09 6.81 23.31
CA MET B 30 -3.22 7.93 22.38
C MET B 30 -4.29 7.66 21.32
N ARG B 31 -4.18 6.51 20.64
CA ARG B 31 -5.10 6.19 19.56
C ARG B 31 -6.53 6.08 20.06
N ALA B 32 -6.72 5.57 21.29
CA ALA B 32 -8.07 5.40 21.82
C ALA B 32 -8.65 6.69 22.37
N ASN B 33 -7.83 7.57 22.94
CA ASN B 33 -8.32 8.71 23.72
C ASN B 33 -8.10 10.06 23.07
N GLN B 34 -6.91 10.31 22.49
CA GLN B 34 -6.63 11.58 21.81
C GLN B 34 -5.80 11.32 20.57
N PRO B 35 -6.42 11.02 19.42
CA PRO B 35 -5.66 10.66 18.21
C PRO B 35 -4.55 11.64 17.87
N VAL B 36 -4.82 12.94 17.91
CA VAL B 36 -3.76 13.96 17.83
C VAL B 36 -3.39 14.32 19.26
N PHE B 37 -2.30 13.72 19.76
CA PHE B 37 -1.94 13.74 21.17
C PHE B 37 -0.98 14.90 21.47
N ARG B 38 -1.08 15.42 22.68
CA ARG B 38 -0.17 16.45 23.18
C ARG B 38 0.54 15.91 24.42
N ASP B 39 1.87 15.87 24.38
CA ASP B 39 2.63 15.24 25.44
C ASP B 39 2.73 16.18 26.64
N ARG B 40 3.54 15.81 27.64
CA ARG B 40 3.61 16.57 28.87
C ARG B 40 4.15 17.98 28.66
N ASN B 41 4.86 18.22 27.56
CA ASN B 41 5.36 19.54 27.22
C ASN B 41 4.49 20.25 26.19
N GLY B 42 3.32 19.69 25.87
CA GLY B 42 2.42 20.31 24.91
C GLY B 42 2.74 20.05 23.45
N LEU B 43 3.67 19.13 23.15
CA LEU B 43 4.04 18.86 21.78
C LEU B 43 2.99 17.96 21.12
N ALA B 44 2.47 18.42 19.98
CA ALA B 44 1.42 17.70 19.26
C ALA B 44 2.00 16.48 18.53
N ALA B 45 1.19 15.42 18.45
CA ALA B 45 1.61 14.20 17.77
C ALA B 45 0.40 13.51 17.16
N ALA B 46 0.55 13.08 15.90
CA ALA B 46 -0.44 12.25 15.22
C ALA B 46 -0.15 10.79 15.54
N SER B 47 -1.04 10.14 16.27
CA SER B 47 -0.81 8.79 16.77
C SER B 47 -1.55 7.71 15.99
N THR B 48 -2.67 8.04 15.35
CA THR B 48 -3.40 7.05 14.59
C THR B 48 -2.88 6.98 13.16
N TYR B 49 -3.03 5.80 12.55
CA TYR B 49 -2.73 5.63 11.13
C TYR B 49 -3.43 6.70 10.30
N GLN B 50 -4.71 6.97 10.60
CA GLN B 50 -5.48 7.93 9.81
C GLN B 50 -4.93 9.35 9.97
N ALA B 51 -4.53 9.73 11.18
CA ALA B 51 -4.02 11.08 11.38
C ALA B 51 -2.67 11.27 10.68
N VAL B 52 -1.81 10.25 10.74
CA VAL B 52 -0.52 10.34 10.05
C VAL B 52 -0.72 10.50 8.56
N ILE B 53 -1.61 9.68 7.97
CA ILE B 53 -1.84 9.75 6.54
C ILE B 53 -2.46 11.08 6.14
N ASP B 54 -3.44 11.56 6.93
CA ASP B 54 -4.08 12.82 6.63
C ASP B 54 -3.09 13.98 6.61
N ALA B 55 -2.13 13.98 7.54
CA ALA B 55 -1.11 15.01 7.55
C ALA B 55 -0.15 14.86 6.38
N GLU B 56 0.27 13.63 6.08
CA GLU B 56 1.17 13.39 4.96
C GLU B 56 0.55 13.84 3.64
N ARG B 57 -0.77 13.70 3.50
CA ARG B 57 -1.46 14.06 2.27
C ARG B 57 -1.63 15.56 2.09
N GLN B 58 -1.23 16.37 3.08
CA GLN B 58 -1.41 17.82 3.04
C GLN B 58 -0.07 18.51 3.32
N PRO B 59 0.89 18.41 2.40
CA PRO B 59 2.18 19.08 2.63
C PRO B 59 2.08 20.59 2.64
N GLU B 60 1.07 21.15 1.96
CA GLU B 60 0.88 22.61 1.98
C GLU B 60 0.57 23.11 3.39
N LEU B 61 -0.05 22.27 4.21
CA LEU B 61 -0.42 22.62 5.58
C LEU B 61 0.55 22.04 6.60
N PHE B 62 1.02 20.83 6.37
CA PHE B 62 1.99 20.16 7.24
C PHE B 62 3.32 20.14 6.49
N SER B 63 4.14 21.15 6.75
CA SER B 63 5.32 21.42 5.94
C SER B 63 6.57 20.76 6.53
N ASN B 64 7.52 20.45 5.65
CA ASN B 64 8.83 19.99 6.08
C ASN B 64 9.85 21.13 6.22
N ALA B 65 9.51 22.33 5.74
CA ALA B 65 10.46 23.44 5.67
C ALA B 65 10.83 24.01 7.04
N GLY B 66 10.16 23.59 8.10
CA GLY B 66 10.59 23.97 9.43
C GLY B 66 11.59 23.01 10.04
N GLY B 67 11.96 21.96 9.34
CA GLY B 67 12.83 20.92 9.84
C GLY B 67 12.06 19.71 10.35
N ILE B 68 12.69 18.54 10.25
CA ILE B 68 12.02 17.27 10.58
C ILE B 68 12.22 16.86 12.03
N ARG B 69 12.99 17.61 12.82
CA ARG B 69 13.32 17.24 14.19
C ARG B 69 12.77 18.28 15.17
N PRO B 70 12.46 17.88 16.39
CA PRO B 70 12.07 18.85 17.41
C PRO B 70 13.27 19.62 17.94
N ASP B 71 13.00 20.85 18.38
CA ASP B 71 14.03 21.74 18.92
C ASP B 71 15.23 21.85 17.98
N GLN B 72 14.95 21.92 16.68
CA GLN B 72 16.01 21.88 15.68
C GLN B 72 15.56 22.62 14.44
N ASP B 73 16.34 23.60 14.00
CA ASP B 73 16.00 24.40 12.83
C ASP B 73 16.29 23.62 11.56
N ALA B 74 15.69 24.09 10.46
CA ALA B 74 15.81 23.40 9.18
C ALA B 74 17.23 23.49 8.65
N LEU B 75 17.68 22.40 8.03
CA LEU B 75 19.00 22.32 7.42
C LEU B 75 18.88 22.21 5.90
N PRO B 76 19.95 22.56 5.15
CA PRO B 76 19.86 22.51 3.66
C PRO B 76 19.96 21.10 3.10
N MET B 77 18.90 20.34 3.33
CA MET B 77 18.72 19.02 2.76
C MET B 77 17.27 18.84 2.34
N MET B 78 17.07 17.97 1.34
CA MET B 78 15.76 17.91 0.68
C MET B 78 14.66 17.45 1.63
N ILE B 79 15.01 16.68 2.67
CA ILE B 79 13.98 16.24 3.61
C ILE B 79 13.49 17.39 4.47
N ASP B 80 14.24 18.49 4.54
CA ASP B 80 13.81 19.71 5.23
C ASP B 80 13.26 20.76 4.25
N MET B 81 12.73 20.34 3.10
CA MET B 81 12.21 21.27 2.12
C MET B 81 10.84 20.81 1.63
N ASP B 82 10.08 21.76 1.11
CA ASP B 82 8.83 21.50 0.42
C ASP B 82 9.05 21.60 -1.08
N ASP B 83 8.10 21.05 -1.84
CA ASP B 83 8.13 21.22 -3.28
C ASP B 83 7.82 22.68 -3.63
N PRO B 84 8.32 23.17 -4.77
CA PRO B 84 9.11 22.52 -5.82
C PRO B 84 10.55 22.21 -5.42
N ALA B 85 11.09 22.92 -4.42
CA ALA B 85 12.50 22.77 -4.08
C ALA B 85 12.87 21.33 -3.78
N HIS B 86 12.01 20.62 -3.03
CA HIS B 86 12.32 19.26 -2.61
C HIS B 86 12.41 18.31 -3.79
N LEU B 87 11.42 18.35 -4.69
CA LEU B 87 11.38 17.40 -5.79
C LEU B 87 12.54 17.61 -6.76
N LEU B 88 12.98 18.85 -6.95
CA LEU B 88 14.15 19.11 -7.79
C LEU B 88 15.38 18.40 -7.24
N ARG B 89 15.56 18.44 -5.92
CA ARG B 89 16.69 17.74 -5.30
C ARG B 89 16.57 16.23 -5.44
N ARG B 90 15.35 15.69 -5.27
CA ARG B 90 15.19 14.23 -5.29
C ARG B 90 15.50 13.65 -6.66
N LYS B 91 15.08 14.35 -7.72
CA LYS B 91 15.38 13.93 -9.08
C LYS B 91 16.89 13.85 -9.37
N LEU B 92 17.73 14.61 -8.67
CA LEU B 92 19.17 14.59 -8.95
C LEU B 92 19.83 13.27 -8.50
N VAL B 93 19.27 12.59 -7.51
CA VAL B 93 19.96 11.46 -6.86
C VAL B 93 19.14 10.19 -6.83
N ASN B 94 17.90 10.19 -7.33
CA ASN B 94 17.04 9.03 -7.14
C ASN B 94 17.11 8.02 -8.27
N ALA B 95 17.94 8.26 -9.30
CA ALA B 95 17.98 7.37 -10.45
C ALA B 95 18.34 5.95 -10.03
N GLY B 96 19.39 5.80 -9.22
CA GLY B 96 19.82 4.50 -8.77
C GLY B 96 18.99 3.85 -7.69
N PHE B 97 17.91 4.50 -7.25
CA PHE B 97 17.10 3.99 -6.14
C PHE B 97 15.78 3.39 -6.60
N THR B 98 15.49 3.38 -7.90
CA THR B 98 14.28 2.73 -8.38
C THR B 98 14.38 1.22 -8.18
N ARG B 99 13.21 0.57 -8.20
CA ARG B 99 13.16 -0.88 -8.04
C ARG B 99 14.08 -1.58 -9.03
N LYS B 100 14.02 -1.20 -10.30
CA LYS B 100 14.83 -1.85 -11.32
C LYS B 100 16.31 -1.60 -11.10
N ARG B 101 16.69 -0.37 -10.73
CA ARG B 101 18.09 -0.08 -10.51
C ARG B 101 18.61 -0.74 -9.23
N VAL B 102 17.75 -0.89 -8.22
CA VAL B 102 18.18 -1.56 -6.98
C VAL B 102 18.47 -3.03 -7.24
N LYS B 103 17.65 -3.68 -8.08
CA LYS B 103 17.87 -5.10 -8.34
C LYS B 103 19.13 -5.33 -9.16
N ASP B 104 19.61 -4.33 -9.89
CA ASP B 104 20.91 -4.43 -10.54
C ASP B 104 22.04 -4.62 -9.53
N LYS B 105 21.82 -4.19 -8.29
CA LYS B 105 22.80 -4.30 -7.22
C LYS B 105 22.69 -5.61 -6.45
N GLU B 106 21.76 -6.49 -6.83
CA GLU B 106 21.52 -7.70 -6.04
C GLU B 106 22.79 -8.55 -5.91
N ARG B 107 23.51 -8.73 -7.00
CA ARG B 107 24.72 -9.54 -6.97
C ARG B 107 25.74 -8.98 -5.99
N SER B 108 26.01 -7.67 -6.07
CA SER B 108 27.01 -7.07 -5.20
C SER B 108 26.55 -7.05 -3.74
N ILE B 109 25.27 -6.78 -3.50
CA ILE B 109 24.78 -6.77 -2.12
C ILE B 109 24.84 -8.17 -1.52
N ALA B 110 24.48 -9.19 -2.32
CA ALA B 110 24.51 -10.56 -1.83
C ALA B 110 25.93 -11.00 -1.45
N GLN B 111 26.94 -10.49 -2.16
CA GLN B 111 28.31 -10.84 -1.85
C GLN B 111 28.78 -10.19 -0.54
N LEU B 112 28.36 -8.94 -0.30
CA LEU B 112 28.65 -8.31 0.98
C LEU B 112 28.01 -9.07 2.14
N CYS B 113 26.82 -9.63 1.91
CA CYS B 113 26.18 -10.41 2.96
C CYS B 113 27.00 -11.65 3.31
N ASP B 114 27.40 -12.42 2.30
CA ASP B 114 28.14 -13.64 2.56
C ASP B 114 29.53 -13.34 3.09
N THR B 115 30.13 -12.23 2.67
CA THR B 115 31.40 -11.80 3.26
C THR B 115 31.23 -11.56 4.76
N LEU B 116 30.16 -10.87 5.15
CA LEU B 116 29.94 -10.58 6.56
C LEU B 116 29.68 -11.86 7.36
N ILE B 117 28.89 -12.78 6.80
CA ILE B 117 28.63 -14.03 7.49
C ILE B 117 29.88 -14.90 7.53
N ASP B 118 30.72 -14.83 6.49
CA ASP B 118 31.97 -15.56 6.49
C ASP B 118 32.85 -15.19 7.68
N ALA B 119 32.74 -13.95 8.15
CA ALA B 119 33.60 -13.45 9.21
C ALA B 119 33.18 -13.91 10.61
N VAL B 120 32.02 -14.56 10.75
CA VAL B 120 31.56 -14.96 12.07
C VAL B 120 31.11 -16.43 12.08
N CYS B 121 30.93 -17.02 10.89
CA CYS B 121 30.29 -18.33 10.82
C CYS B 121 31.12 -19.43 11.48
N GLU B 122 32.44 -19.24 11.61
CA GLU B 122 33.26 -20.23 12.29
C GLU B 122 33.27 -20.05 13.81
N ARG B 123 32.81 -18.89 14.30
CA ARG B 123 32.85 -18.62 15.74
C ARG B 123 31.78 -19.36 16.51
N GLY B 124 30.64 -19.65 15.88
CA GLY B 124 29.50 -20.14 16.62
C GLY B 124 28.79 -19.10 17.46
N GLU B 125 29.24 -17.85 17.42
CA GLU B 125 28.66 -16.76 18.19
C GLU B 125 29.03 -15.45 17.51
N CYS B 126 28.21 -14.43 17.74
CA CYS B 126 28.51 -13.08 17.28
C CYS B 126 27.49 -12.13 17.90
N ASP B 127 27.77 -10.84 17.76
CA ASP B 127 26.80 -9.79 18.08
C ASP B 127 26.05 -9.45 16.80
N PHE B 128 24.76 -9.77 16.75
CA PHE B 128 24.02 -9.60 15.51
C PHE B 128 24.00 -8.14 15.06
N VAL B 129 23.91 -7.20 16.02
CA VAL B 129 23.93 -5.79 15.66
C VAL B 129 25.30 -5.39 15.12
N ARG B 130 26.36 -5.73 15.84
CA ARG B 130 27.69 -5.22 15.51
C ARG B 130 28.27 -5.91 14.29
N ASP B 131 28.03 -7.21 14.13
CA ASP B 131 28.73 -7.99 13.12
C ASP B 131 27.94 -8.19 11.83
N LEU B 132 26.61 -8.05 11.87
CA LEU B 132 25.82 -8.32 10.69
C LEU B 132 24.88 -7.17 10.35
N ALA B 133 24.09 -6.73 11.33
CA ALA B 133 23.01 -5.79 11.05
C ALA B 133 23.55 -4.40 10.67
N ALA B 134 24.50 -3.90 11.44
CA ALA B 134 25.01 -2.53 11.15
C ALA B 134 25.91 -2.49 9.94
N PRO B 135 26.92 -3.37 9.76
CA PRO B 135 27.87 -3.17 8.66
C PRO B 135 27.28 -3.37 7.27
N LEU B 136 26.24 -4.20 7.11
CA LEU B 136 25.76 -4.45 5.74
C LEU B 136 25.19 -3.20 5.10
N PRO B 137 24.23 -2.47 5.68
CA PRO B 137 23.74 -1.25 5.02
C PRO B 137 24.80 -0.18 4.92
N MET B 138 25.74 -0.13 5.85
CA MET B 138 26.84 0.82 5.75
C MET B 138 27.66 0.58 4.50
N ALA B 139 27.99 -0.68 4.21
CA ALA B 139 28.80 -0.98 3.03
C ALA B 139 28.03 -0.68 1.74
N VAL B 140 26.71 -0.89 1.74
CA VAL B 140 25.92 -0.71 0.53
C VAL B 140 25.83 0.76 0.15
N ILE B 141 25.39 1.61 1.09
CA ILE B 141 25.30 3.04 0.79
C ILE B 141 26.69 3.67 0.73
N GLY B 142 27.64 3.13 1.49
CA GLY B 142 29.01 3.61 1.37
C GLY B 142 29.56 3.42 -0.03
N ASP B 143 29.20 2.31 -0.66
CA ASP B 143 29.63 2.05 -2.04
C ASP B 143 28.99 3.03 -3.02
N MET B 144 27.71 3.37 -2.81
CA MET B 144 27.07 4.35 -3.69
C MET B 144 27.61 5.75 -3.46
N LEU B 145 28.09 6.05 -2.25
CA LEU B 145 28.60 7.38 -1.93
C LEU B 145 30.07 7.54 -2.26
N GLY B 146 30.78 6.47 -2.61
CA GLY B 146 32.20 6.54 -2.86
C GLY B 146 33.07 6.38 -1.64
N VAL B 147 32.52 5.87 -0.54
CA VAL B 147 33.30 5.62 0.66
C VAL B 147 34.15 4.37 0.46
N LEU B 148 35.45 4.49 0.69
CA LEU B 148 36.34 3.34 0.58
C LEU B 148 35.97 2.30 1.64
N PRO B 149 36.13 1.01 1.33
CA PRO B 149 35.79 -0.03 2.32
C PRO B 149 36.54 0.14 3.63
N GLU B 150 37.80 0.57 3.57
CA GLU B 150 38.58 0.77 4.79
C GLU B 150 38.09 1.97 5.60
N GLN B 151 37.31 2.85 4.99
CA GLN B 151 36.72 3.99 5.70
C GLN B 151 35.32 3.70 6.22
N ARG B 152 34.81 2.49 6.00
CA ARG B 152 33.45 2.17 6.41
C ARG B 152 33.27 2.30 7.91
N GLU B 153 34.27 1.94 8.70
CA GLU B 153 33.99 1.86 10.12
C GLU B 153 34.05 3.24 10.75
N MET B 154 34.81 4.14 10.11
CA MET B 154 34.86 5.54 10.50
C MET B 154 33.52 6.23 10.23
N PHE B 155 32.96 6.02 9.04
CA PHE B 155 31.70 6.68 8.69
C PHE B 155 30.55 6.19 9.57
N LEU B 156 30.53 4.91 9.90
CA LEU B 156 29.48 4.39 10.78
C LEU B 156 29.62 4.94 12.19
N ARG B 157 30.87 5.13 12.64
CA ARG B 157 31.10 5.73 13.95
C ARG B 157 30.61 7.17 13.98
N TRP B 158 30.91 7.95 12.94
CA TRP B 158 30.36 9.30 12.84
C TRP B 158 28.84 9.26 12.86
N SER B 159 28.26 8.40 12.02
CA SER B 159 26.80 8.31 11.92
C SER B 159 26.17 7.97 13.26
N ASP B 160 26.76 7.00 13.98
CA ASP B 160 26.26 6.63 15.29
C ASP B 160 26.28 7.84 16.23
N ASP B 161 27.40 8.56 16.28
CA ASP B 161 27.52 9.72 17.15
C ASP B 161 26.54 10.82 16.78
N LEU B 162 26.07 10.86 15.54
CA LEU B 162 25.18 11.93 15.12
C LEU B 162 23.72 11.68 15.51
N VAL B 163 23.33 10.43 15.78
CA VAL B 163 21.92 10.12 16.01
C VAL B 163 21.67 9.53 17.40
N THR B 164 22.69 8.89 17.98
CA THR B 164 22.45 8.17 19.24
C THR B 164 22.23 9.10 20.44
N PHE B 165 22.48 10.41 20.30
CA PHE B 165 22.33 11.34 21.41
C PHE B 165 21.28 12.40 21.14
N LEU B 166 20.35 12.13 20.22
CA LEU B 166 19.21 13.02 20.02
C LEU B 166 18.19 12.73 21.10
N SER B 167 18.14 13.59 22.11
CA SER B 167 17.25 13.44 23.24
C SER B 167 17.14 14.78 23.96
N SER B 168 15.96 15.04 24.52
CA SER B 168 15.75 16.29 25.24
C SER B 168 16.59 16.38 26.50
N HIS B 169 17.05 15.25 27.04
CA HIS B 169 17.80 15.22 28.29
C HIS B 169 19.25 14.79 28.07
N VAL B 170 19.82 15.14 26.91
CA VAL B 170 21.19 14.75 26.61
C VAL B 170 22.15 15.60 27.41
N SER B 171 23.24 14.97 27.87
CA SER B 171 24.26 15.69 28.63
C SER B 171 25.10 16.55 27.70
N GLN B 172 25.80 17.53 28.29
CA GLN B 172 26.72 18.35 27.51
C GLN B 172 27.89 17.53 27.01
N GLU B 173 28.32 16.53 27.79
CA GLU B 173 29.24 15.50 27.32
C GLU B 173 28.85 14.96 25.96
N ASP B 174 27.70 14.29 25.93
CA ASP B 174 27.28 13.58 24.73
C ASP B 174 27.00 14.55 23.58
N PHE B 175 26.40 15.71 23.89
CA PHE B 175 26.13 16.69 22.85
C PHE B 175 27.42 17.15 22.18
N GLN B 176 28.52 17.18 22.92
CA GLN B 176 29.81 17.53 22.32
C GLN B 176 30.26 16.45 21.35
N VAL B 177 30.00 15.18 21.67
CA VAL B 177 30.33 14.09 20.77
C VAL B 177 29.61 14.28 19.43
N THR B 178 28.32 14.62 19.49
CA THR B 178 27.56 14.89 18.27
C THR B 178 28.20 16.02 17.47
N ILE B 179 28.49 17.14 18.13
CA ILE B 179 29.09 18.28 17.45
C ILE B 179 30.44 17.90 16.85
N ASP B 180 31.26 17.19 17.63
CA ASP B 180 32.58 16.79 17.13
C ASP B 180 32.45 15.84 15.94
N ALA B 181 31.48 14.93 15.99
CA ALA B 181 31.31 13.98 14.89
C ALA B 181 30.92 14.70 13.60
N PHE B 182 30.01 15.68 13.69
CA PHE B 182 29.66 16.44 12.51
C PHE B 182 30.85 17.22 11.97
N ALA B 183 31.64 17.82 12.86
CA ALA B 183 32.82 18.58 12.44
C ALA B 183 33.79 17.70 11.66
N ALA B 184 34.07 16.50 12.19
CA ALA B 184 34.94 15.57 11.49
C ALA B 184 34.35 15.16 10.15
N TYR B 185 33.05 14.81 10.14
CA TYR B 185 32.40 14.50 8.88
C TYR B 185 32.43 15.68 7.93
N ASN B 186 32.22 16.89 8.46
CA ASN B 186 32.22 18.08 7.61
C ASN B 186 33.58 18.30 6.97
N ASP B 187 34.66 18.13 7.74
CA ASP B 187 36.00 18.34 7.19
C ASP B 187 36.30 17.34 6.08
N PHE B 188 36.09 16.05 6.34
CA PHE B 188 36.36 15.02 5.37
C PHE B 188 35.52 15.21 4.10
N THR B 189 34.25 15.54 4.26
CA THR B 189 33.35 15.60 3.11
C THR B 189 33.70 16.76 2.19
N ARG B 190 34.01 17.94 2.75
CA ARG B 190 34.40 19.07 1.93
C ARG B 190 35.68 18.77 1.16
N ALA B 191 36.62 18.04 1.78
CA ALA B 191 37.80 17.59 1.05
C ALA B 191 37.41 16.65 -0.07
N THR B 192 36.42 15.78 0.16
CA THR B 192 35.92 14.91 -0.90
C THR B 192 35.18 15.72 -1.96
N ILE B 193 34.44 16.75 -1.53
CA ILE B 193 33.78 17.65 -2.48
C ILE B 193 34.81 18.25 -3.44
N ALA B 194 35.95 18.71 -2.89
CA ALA B 194 36.98 19.31 -3.73
C ALA B 194 37.56 18.30 -4.71
N ALA B 195 37.83 17.09 -4.25
CA ALA B 195 38.35 16.05 -5.15
C ALA B 195 37.36 15.74 -6.25
N ARG B 196 36.07 15.59 -5.90
CA ARG B 196 35.06 15.25 -6.89
C ARG B 196 34.82 16.40 -7.87
N ARG B 197 34.95 17.64 -7.41
CA ARG B 197 34.83 18.77 -8.32
C ARG B 197 36.00 18.81 -9.31
N ALA B 198 37.21 18.51 -8.84
CA ALA B 198 38.38 18.53 -9.69
C ALA B 198 38.52 17.29 -10.55
N GLU B 199 37.85 16.20 -10.16
CA GLU B 199 37.95 14.93 -10.86
C GLU B 199 36.70 14.10 -10.55
N PRO B 200 35.79 13.94 -11.53
CA PRO B 200 34.49 13.32 -11.25
C PRO B 200 34.62 11.81 -11.06
N THR B 201 33.74 11.27 -10.23
CA THR B 201 33.57 9.83 -10.13
C THR B 201 32.10 9.51 -10.41
N ASP B 202 31.75 8.23 -10.29
CA ASP B 202 30.40 7.77 -10.53
C ASP B 202 29.61 7.57 -9.24
N ASP B 203 30.04 8.19 -8.15
CA ASP B 203 29.36 8.06 -6.88
C ASP B 203 28.38 9.21 -6.68
N LEU B 204 27.56 9.09 -5.63
CA LEU B 204 26.49 10.06 -5.42
C LEU B 204 27.02 11.44 -5.05
N VAL B 205 28.17 11.50 -4.37
CA VAL B 205 28.76 12.80 -4.07
C VAL B 205 29.10 13.53 -5.36
N SER B 206 29.67 12.82 -6.33
CA SER B 206 30.05 13.44 -7.59
C SER B 206 28.82 13.87 -8.39
N VAL B 207 27.76 13.06 -8.37
CA VAL B 207 26.50 13.48 -8.97
C VAL B 207 26.00 14.76 -8.30
N LEU B 208 26.12 14.84 -6.97
CA LEU B 208 25.69 16.03 -6.25
C LEU B 208 26.55 17.24 -6.59
N VAL B 209 27.87 17.06 -6.62
CA VAL B 209 28.78 18.20 -6.86
C VAL B 209 28.54 18.78 -8.24
N SER B 210 28.31 17.94 -9.24
CA SER B 210 28.06 18.39 -10.61
C SER B 210 26.61 18.77 -10.86
N SER B 211 25.79 18.84 -9.82
CA SER B 211 24.36 19.11 -9.98
C SER B 211 24.08 20.60 -10.04
N GLU B 212 23.06 20.92 -10.84
CA GLU B 212 22.55 22.30 -10.98
C GLU B 212 21.05 22.32 -10.66
N VAL B 213 20.62 23.25 -9.81
CA VAL B 213 19.21 23.45 -9.58
C VAL B 213 18.87 24.88 -10.00
N ASP B 214 17.95 25.00 -10.95
CA ASP B 214 17.55 26.29 -11.51
C ASP B 214 18.74 27.03 -12.12
N GLY B 215 19.66 26.27 -12.71
CA GLY B 215 20.79 26.84 -13.43
C GLY B 215 22.04 27.05 -12.62
N GLU B 216 21.97 27.06 -11.29
CA GLU B 216 23.15 27.28 -10.47
C GLU B 216 23.47 26.02 -9.68
N ARG B 217 24.78 25.79 -9.45
CA ARG B 217 25.23 24.65 -8.66
C ARG B 217 24.72 24.71 -7.22
N LEU B 218 24.81 23.59 -6.51
CA LEU B 218 24.45 23.52 -5.10
C LEU B 218 25.59 24.07 -4.24
N SER B 219 25.22 24.75 -3.17
CA SER B 219 26.21 25.30 -2.26
C SER B 219 26.94 24.18 -1.53
N ASP B 220 28.14 24.51 -1.04
CA ASP B 220 28.92 23.55 -0.26
C ASP B 220 28.16 23.13 1.01
N ASP B 221 27.39 24.04 1.60
CA ASP B 221 26.62 23.70 2.79
C ASP B 221 25.55 22.67 2.48
N GLU B 222 24.83 22.84 1.37
CA GLU B 222 23.84 21.85 0.97
C GLU B 222 24.50 20.54 0.54
N LEU B 223 25.60 20.63 -0.22
CA LEU B 223 26.31 19.43 -0.67
C LEU B 223 26.69 18.54 0.51
N VAL B 224 27.17 19.16 1.59
CA VAL B 224 27.55 18.40 2.78
C VAL B 224 26.32 17.79 3.45
N MET B 225 25.21 18.52 3.45
CA MET B 225 24.03 18.05 4.18
C MET B 225 23.22 17.04 3.37
N GLU B 226 23.20 17.17 2.04
CA GLU B 226 22.50 16.17 1.24
C GLU B 226 23.26 14.84 1.25
N THR B 227 24.59 14.89 1.22
CA THR B 227 25.39 13.67 1.37
C THR B 227 25.15 13.04 2.74
N LEU B 228 25.07 13.87 3.79
CA LEU B 228 24.83 13.35 5.12
C LEU B 228 23.44 12.73 5.23
N LEU B 229 22.44 13.35 4.60
CA LEU B 229 21.10 12.77 4.59
C LEU B 229 21.09 11.40 3.94
N ILE B 230 21.81 11.25 2.81
CA ILE B 230 21.91 9.94 2.16
C ILE B 230 22.62 8.95 3.06
N LEU B 231 23.67 9.41 3.73
CA LEU B 231 24.48 8.50 4.57
C LEU B 231 23.68 8.00 5.77
N ILE B 232 23.04 8.90 6.50
CA ILE B 232 22.29 8.50 7.68
C ILE B 232 21.07 7.69 7.29
N GLY B 233 20.37 8.11 6.23
CA GLY B 233 19.27 7.32 5.72
C GLY B 233 19.67 5.90 5.40
N GLY B 234 20.89 5.73 4.90
CA GLY B 234 21.39 4.40 4.57
C GLY B 234 21.85 3.58 5.76
N ASP B 235 22.51 4.21 6.74
CA ASP B 235 23.28 3.45 7.72
C ASP B 235 22.76 3.58 9.15
N GLU B 236 21.60 4.21 9.37
CA GLU B 236 21.02 4.29 10.70
C GLU B 236 19.58 3.83 10.73
N THR B 237 19.14 3.07 9.71
CA THR B 237 17.74 2.68 9.61
C THR B 237 17.61 1.18 9.40
N THR B 238 18.03 0.69 8.24
CA THR B 238 17.88 -0.73 7.88
C THR B 238 18.46 -1.63 8.95
N ARG B 239 19.57 -1.19 9.59
CA ARG B 239 20.22 -1.99 10.62
C ARG B 239 19.26 -2.38 11.73
N HIS B 240 18.30 -1.52 12.06
CA HIS B 240 17.40 -1.78 13.18
C HIS B 240 16.26 -2.71 12.79
N THR B 241 15.85 -2.71 11.53
CA THR B 241 14.90 -3.72 11.07
C THR B 241 15.58 -5.09 10.98
N LEU B 242 16.84 -5.12 10.55
CA LEU B 242 17.58 -6.38 10.50
C LEU B 242 17.69 -7.01 11.88
N SER B 243 18.08 -6.21 12.88
CA SER B 243 18.29 -6.75 14.21
C SER B 243 16.97 -7.01 14.94
N GLY B 244 16.09 -6.01 14.97
CA GLY B 244 14.82 -6.17 15.66
C GLY B 244 13.90 -7.16 14.97
N GLY B 245 13.93 -7.21 13.64
CA GLY B 245 13.10 -8.17 12.93
C GLY B 245 13.59 -9.59 13.13
N SER B 246 14.91 -9.79 13.12
CA SER B 246 15.45 -11.11 13.39
C SER B 246 15.21 -11.53 14.84
N GLU B 247 15.23 -10.58 15.77
CA GLU B 247 14.87 -10.91 17.15
C GLU B 247 13.45 -11.44 17.23
N GLN B 248 12.53 -10.84 16.50
CA GLN B 248 11.15 -11.31 16.52
C GLN B 248 11.01 -12.70 15.91
N LEU B 249 11.81 -13.00 14.87
CA LEU B 249 11.81 -14.35 14.34
C LEU B 249 12.34 -15.36 15.35
N LEU B 250 13.31 -14.95 16.18
CA LEU B 250 13.87 -15.85 17.16
C LEU B 250 12.98 -15.98 18.40
N ARG B 251 12.31 -14.88 18.79
CA ARG B 251 11.39 -14.94 19.91
C ARG B 251 10.07 -15.60 19.55
N ASN B 252 9.70 -15.62 18.28
CA ASN B 252 8.53 -16.32 17.78
C ASN B 252 9.00 -17.40 16.81
N ARG B 253 9.65 -18.44 17.36
CA ARG B 253 10.37 -19.39 16.51
C ARG B 253 9.45 -20.13 15.54
N ASP B 254 8.13 -20.10 15.75
CA ASP B 254 7.23 -20.62 14.74
C ASP B 254 7.35 -19.84 13.43
N GLN B 255 7.53 -18.52 13.53
CA GLN B 255 7.79 -17.72 12.35
C GLN B 255 9.13 -18.08 11.71
N TRP B 256 10.17 -18.25 12.54
CA TRP B 256 11.46 -18.67 12.02
C TRP B 256 11.35 -20.03 11.31
N ASP B 257 10.53 -20.93 11.85
CA ASP B 257 10.37 -22.24 11.23
C ASP B 257 9.56 -22.16 9.94
N LEU B 258 8.61 -21.24 9.85
CA LEU B 258 7.90 -21.03 8.60
C LEU B 258 8.86 -20.59 7.51
N LEU B 259 9.80 -19.71 7.86
CA LEU B 259 10.75 -19.20 6.87
C LEU B 259 11.73 -20.29 6.44
N GLN B 260 12.13 -21.15 7.37
CA GLN B 260 12.99 -22.29 7.02
C GLN B 260 12.31 -23.17 5.96
N SER B 261 11.06 -23.55 6.20
CA SER B 261 10.40 -24.54 5.36
C SER B 261 9.96 -23.96 4.02
N ASP B 262 9.48 -22.72 4.03
CA ASP B 262 8.97 -22.05 2.83
C ASP B 262 9.72 -20.71 2.70
N ARG B 263 10.94 -20.77 2.17
CA ARG B 263 11.78 -19.57 2.04
C ARG B 263 11.15 -18.51 1.14
N GLU B 264 10.08 -18.86 0.39
CA GLU B 264 9.33 -17.93 -0.53
C GLU B 264 8.41 -17.02 0.26
N LEU B 265 8.26 -17.33 1.52
CA LEU B 265 7.54 -16.47 2.42
C LEU B 265 8.38 -15.28 2.85
N LEU B 266 9.61 -15.19 2.36
CA LEU B 266 10.53 -14.15 2.83
C LEU B 266 10.05 -12.74 2.56
N PRO B 267 9.51 -12.40 1.38
CA PRO B 267 9.06 -11.01 1.18
C PRO B 267 8.04 -10.55 2.21
N GLY B 268 7.09 -11.39 2.58
CA GLY B 268 6.15 -11.04 3.63
C GLY B 268 6.82 -10.89 4.99
N ALA B 269 7.86 -11.67 5.24
CA ALA B 269 8.59 -11.54 6.50
C ALA B 269 9.26 -10.17 6.60
N ILE B 270 9.89 -9.71 5.51
CA ILE B 270 10.55 -8.41 5.51
C ILE B 270 9.54 -7.30 5.81
N GLU B 271 8.35 -7.37 5.21
CA GLU B 271 7.35 -6.34 5.45
C GLU B 271 6.90 -6.31 6.90
N GLU B 272 6.84 -7.49 7.55
CA GLU B 272 6.44 -7.53 8.96
C GLU B 272 7.58 -7.11 9.88
N MET B 273 8.82 -7.39 9.51
CA MET B 273 9.94 -6.82 10.26
C MET B 273 9.93 -5.30 10.18
N LEU B 274 9.58 -4.76 9.00
CA LEU B 274 9.50 -3.32 8.83
C LEU B 274 8.38 -2.72 9.67
N ARG B 275 7.17 -3.31 9.60
CA ARG B 275 6.07 -2.82 10.43
C ARG B 275 6.43 -2.83 11.90
N TRP B 276 7.03 -3.93 12.37
CA TRP B 276 7.23 -4.12 13.80
C TRP B 276 8.29 -3.18 14.36
N THR B 277 9.38 -2.98 13.62
CA THR B 277 10.56 -2.32 14.18
C THR B 277 10.52 -0.80 14.05
N ALA B 278 9.86 -0.27 13.01
CA ALA B 278 9.73 1.16 12.73
C ALA B 278 10.96 1.94 13.16
N PRO B 279 12.12 1.73 12.50
CA PRO B 279 13.35 2.39 12.97
C PRO B 279 13.24 3.89 13.07
N VAL B 280 12.60 4.54 12.10
CA VAL B 280 12.34 5.98 12.20
C VAL B 280 11.11 6.14 13.09
N LYS B 281 11.34 6.54 14.34
CA LYS B 281 10.24 6.60 15.29
C LYS B 281 9.29 7.75 14.98
N ASN B 282 9.80 8.82 14.37
CA ASN B 282 8.93 9.96 14.08
C ASN B 282 9.60 10.91 13.09
N MET B 283 8.78 11.78 12.52
CA MET B 283 9.18 12.85 11.62
C MET B 283 8.29 14.05 11.94
N CYS B 284 8.89 15.25 12.02
CA CYS B 284 8.10 16.42 12.36
C CYS B 284 7.54 17.09 11.12
N ARG B 285 6.40 17.77 11.30
CA ARG B 285 5.83 18.67 10.33
C ARG B 285 5.53 19.99 11.02
N MET B 286 5.60 21.08 10.27
CA MET B 286 5.31 22.41 10.81
C MET B 286 4.02 22.93 10.20
N LEU B 287 3.10 23.35 11.04
CA LEU B 287 1.84 23.91 10.57
C LEU B 287 2.09 25.25 9.88
N THR B 288 1.52 25.42 8.70
CA THR B 288 1.60 26.67 7.96
C THR B 288 0.41 27.59 8.24
N ALA B 289 -0.56 27.14 9.02
CA ALA B 289 -1.71 27.94 9.39
C ALA B 289 -2.43 27.26 10.55
N ASP B 290 -3.19 28.06 11.30
CA ASP B 290 -4.09 27.49 12.30
C ASP B 290 -5.08 26.55 11.62
N THR B 291 -5.34 25.40 12.24
CA THR B 291 -6.26 24.44 11.63
C THR B 291 -6.91 23.60 12.72
N GLU B 292 -7.98 22.93 12.33
CA GLU B 292 -8.63 21.91 13.15
C GLU B 292 -8.34 20.56 12.52
N PHE B 293 -7.61 19.72 13.24
CA PHE B 293 -7.09 18.46 12.69
C PHE B 293 -7.51 17.33 13.63
N HIS B 294 -8.47 16.52 13.19
CA HIS B 294 -9.00 15.40 13.97
C HIS B 294 -9.43 15.87 15.36
N GLY B 295 -10.20 16.96 15.39
CA GLY B 295 -10.73 17.49 16.62
C GLY B 295 -9.75 18.27 17.47
N THR B 296 -8.48 18.35 17.07
CA THR B 296 -7.46 19.08 17.83
C THR B 296 -7.13 20.37 17.10
N ALA B 297 -7.11 21.48 17.84
CA ALA B 297 -6.76 22.77 17.27
C ALA B 297 -5.24 22.90 17.22
N LEU B 298 -4.71 23.05 16.01
CA LEU B 298 -3.28 23.21 15.82
C LEU B 298 -2.98 24.64 15.39
N SER B 299 -1.87 25.18 15.89
CA SER B 299 -1.50 26.57 15.66
C SER B 299 -0.40 26.68 14.61
N GLU B 300 -0.50 27.72 13.78
CA GLU B 300 0.53 27.99 12.78
C GLU B 300 1.89 28.13 13.46
N GLY B 301 2.90 27.48 12.89
CA GLY B 301 4.25 27.56 13.38
C GLY B 301 4.66 26.45 14.34
N GLU B 302 3.71 25.77 14.96
CA GLU B 302 4.07 24.68 15.87
C GLU B 302 4.33 23.41 15.08
N LYS B 303 5.15 22.55 15.66
CA LYS B 303 5.51 21.29 15.02
C LYS B 303 4.65 20.16 15.55
N ILE B 304 4.27 19.24 14.66
CA ILE B 304 3.57 18.02 15.02
C ILE B 304 4.44 16.83 14.61
N MET B 305 4.53 15.85 15.49
CA MET B 305 5.42 14.71 15.31
C MET B 305 4.61 13.50 14.84
N LEU B 306 4.96 12.95 13.67
CA LEU B 306 4.23 11.81 13.09
C LEU B 306 4.78 10.52 13.69
N LEU B 307 3.92 9.80 14.43
CA LEU B 307 4.36 8.62 15.18
C LEU B 307 4.15 7.38 14.33
N PHE B 308 5.20 7.01 13.59
CA PHE B 308 5.08 5.91 12.63
C PHE B 308 4.91 4.56 13.32
N GLU B 309 5.56 4.35 14.46
CA GLU B 309 5.39 3.08 15.15
C GLU B 309 3.98 2.93 15.72
N SER B 310 3.40 4.03 16.22
CA SER B 310 2.02 3.97 16.69
C SER B 310 1.08 3.64 15.55
N ALA B 311 1.26 4.29 14.40
CA ALA B 311 0.45 3.99 13.23
C ALA B 311 0.62 2.54 12.80
N ASN B 312 1.83 1.99 12.92
CA ASN B 312 2.08 0.63 12.50
C ASN B 312 1.42 -0.41 13.40
N PHE B 313 0.95 -0.02 14.58
CA PHE B 313 0.26 -0.94 15.48
C PHE B 313 -1.19 -0.54 15.68
N ASP B 314 -1.75 0.23 14.75
CA ASP B 314 -3.11 0.74 14.84
C ASP B 314 -4.11 -0.37 14.56
N GLU B 315 -4.94 -0.68 15.55
CA GLU B 315 -5.91 -1.77 15.44
C GLU B 315 -6.98 -1.50 14.39
N ALA B 316 -7.21 -0.22 14.04
CA ALA B 316 -8.20 0.09 13.02
C ALA B 316 -7.74 -0.27 11.62
N VAL B 317 -6.46 -0.57 11.43
CA VAL B 317 -5.92 -0.93 10.12
C VAL B 317 -5.41 -2.36 10.10
N PHE B 318 -4.76 -2.81 11.17
CA PHE B 318 -4.13 -4.11 11.21
C PHE B 318 -4.89 -5.04 12.14
N THR B 319 -5.07 -6.30 11.70
CA THR B 319 -5.67 -7.32 12.53
C THR B 319 -4.62 -7.86 13.50
N ASP B 320 -4.92 -7.79 14.80
CA ASP B 320 -4.03 -8.24 15.87
C ASP B 320 -2.62 -7.69 15.68
N PRO B 321 -2.43 -6.38 15.83
CA PRO B 321 -1.11 -5.79 15.55
C PRO B 321 -0.02 -6.21 16.54
N GLU B 322 -0.37 -6.69 17.73
CA GLU B 322 0.65 -7.16 18.65
C GLU B 322 1.16 -8.56 18.31
N LYS B 323 0.62 -9.20 17.29
CA LYS B 323 1.13 -10.47 16.81
C LYS B 323 2.15 -10.23 15.70
N PHE B 324 3.32 -10.85 15.81
CA PHE B 324 4.31 -10.81 14.75
C PHE B 324 3.98 -11.93 13.76
N ASP B 325 3.52 -11.56 12.57
CA ASP B 325 2.92 -12.50 11.63
C ASP B 325 3.50 -12.21 10.25
N ILE B 326 4.47 -13.03 9.82
CA ILE B 326 5.13 -12.82 8.54
C ILE B 326 4.21 -13.06 7.35
N GLN B 327 3.04 -13.66 7.56
CA GLN B 327 2.07 -13.87 6.50
C GLN B 327 1.00 -12.78 6.46
N ARG B 328 1.16 -11.73 7.27
CA ARG B 328 0.28 -10.57 7.21
C ARG B 328 0.26 -9.99 5.80
N ASN B 329 -0.93 -9.81 5.24
CA ASN B 329 -1.09 -9.36 3.87
C ASN B 329 -2.54 -8.94 3.64
N PRO B 330 -2.80 -7.67 3.28
CA PRO B 330 -1.83 -6.59 3.08
C PRO B 330 -1.17 -6.13 4.37
N ASN B 331 0.03 -5.56 4.23
CA ASN B 331 0.80 -5.06 5.36
C ASN B 331 1.20 -3.61 5.01
N SER B 332 0.23 -2.71 5.04
CA SER B 332 0.45 -1.35 4.55
C SER B 332 1.05 -0.47 5.63
N HIS B 333 2.17 -0.91 6.21
CA HIS B 333 2.82 -0.17 7.28
C HIS B 333 3.36 1.16 6.77
N LEU B 334 3.69 2.04 7.73
CA LEU B 334 4.21 3.36 7.44
C LEU B 334 5.65 3.52 7.94
N ALA B 335 6.43 2.44 7.90
CA ALA B 335 7.83 2.53 8.30
C ALA B 335 8.61 3.46 7.38
N PHE B 336 8.22 3.53 6.11
CA PHE B 336 8.86 4.40 5.13
C PHE B 336 8.09 5.70 4.93
N GLY B 337 7.12 5.99 5.80
CA GLY B 337 6.34 7.19 5.62
C GLY B 337 5.36 7.06 4.46
N PHE B 338 4.95 8.21 3.94
CA PHE B 338 3.92 8.27 2.91
C PHE B 338 3.93 9.68 2.33
N GLY B 339 3.62 9.77 1.04
CA GLY B 339 3.51 11.07 0.40
C GLY B 339 4.78 11.57 -0.26
N THR B 340 4.95 12.89 -0.31
CA THR B 340 6.02 13.47 -1.11
C THR B 340 7.40 13.11 -0.59
N HIS B 341 7.53 12.79 0.70
CA HIS B 341 8.82 12.43 1.28
C HIS B 341 8.98 10.94 1.49
N PHE B 342 8.08 10.12 0.97
CA PHE B 342 8.16 8.66 1.07
C PHE B 342 9.57 8.17 0.79
N CYS B 343 10.08 7.31 1.67
CA CYS B 343 11.50 6.96 1.71
C CYS B 343 12.06 6.66 0.33
N MET B 344 13.07 7.43 -0.07
CA MET B 344 13.68 7.22 -1.38
C MET B 344 14.50 5.92 -1.41
N GLY B 345 14.98 5.48 -0.26
CA GLY B 345 15.72 4.24 -0.18
C GLY B 345 14.90 3.02 0.15
N ASN B 346 13.57 3.11 0.04
CA ASN B 346 12.72 2.02 0.50
C ASN B 346 12.97 0.74 -0.29
N GLN B 347 13.23 0.86 -1.59
CA GLN B 347 13.51 -0.33 -2.40
C GLN B 347 14.88 -0.89 -2.07
N LEU B 348 15.87 -0.01 -1.83
CA LEU B 348 17.20 -0.48 -1.44
C LEU B 348 17.16 -1.16 -0.08
N ALA B 349 16.38 -0.61 0.86
CA ALA B 349 16.29 -1.22 2.18
C ALA B 349 15.62 -2.59 2.12
N ARG B 350 14.57 -2.73 1.30
CA ARG B 350 13.90 -4.02 1.19
C ARG B 350 14.80 -5.07 0.56
N LEU B 351 15.68 -4.68 -0.36
CA LEU B 351 16.59 -5.65 -0.95
C LEU B 351 17.70 -6.03 0.03
N GLU B 352 18.23 -5.05 0.76
CA GLU B 352 19.20 -5.35 1.82
C GLU B 352 18.60 -6.32 2.83
N LEU B 353 17.36 -6.05 3.26
CA LEU B 353 16.71 -6.90 4.25
C LEU B 353 16.49 -8.30 3.70
N SER B 354 15.97 -8.39 2.47
CA SER B 354 15.72 -9.69 1.86
C SER B 354 16.99 -10.53 1.77
N LEU B 355 18.06 -9.95 1.24
CA LEU B 355 19.26 -10.73 0.98
C LEU B 355 19.96 -11.15 2.27
N MET B 356 20.10 -10.24 3.23
CA MET B 356 20.78 -10.60 4.47
C MET B 356 19.99 -11.62 5.27
N THR B 357 18.67 -11.43 5.35
CA THR B 357 17.83 -12.35 6.10
C THR B 357 17.82 -13.73 5.46
N ALA B 358 17.76 -13.78 4.12
CA ALA B 358 17.80 -15.06 3.43
C ALA B 358 19.09 -15.82 3.74
N ARG B 359 20.20 -15.11 3.84
CA ARG B 359 21.47 -15.78 4.12
C ARG B 359 21.63 -16.13 5.60
N VAL B 360 21.07 -15.32 6.50
CA VAL B 360 21.07 -15.68 7.92
C VAL B 360 20.27 -16.95 8.14
N VAL B 361 19.05 -17.00 7.57
CA VAL B 361 18.18 -18.15 7.74
C VAL B 361 18.79 -19.40 7.12
N GLN B 362 19.54 -19.25 6.02
CA GLN B 362 20.10 -20.40 5.32
C GLN B 362 21.43 -20.85 5.92
N ARG B 363 22.31 -19.90 6.27
CA ARG B 363 23.65 -20.25 6.73
C ARG B 363 23.76 -20.33 8.24
N LEU B 364 22.82 -19.76 8.98
CA LEU B 364 22.76 -19.86 10.44
C LEU B 364 21.42 -20.46 10.84
N PRO B 365 21.14 -21.70 10.41
CA PRO B 365 19.76 -22.21 10.50
C PRO B 365 19.31 -22.52 11.91
N ASP B 366 20.22 -22.71 12.86
CA ASP B 366 19.85 -22.96 14.25
C ASP B 366 20.13 -21.75 15.13
N LEU B 367 20.13 -20.56 14.53
CA LEU B 367 20.39 -19.33 15.27
C LEU B 367 19.42 -19.16 16.44
N ARG B 368 19.95 -18.78 17.59
CA ARG B 368 19.15 -18.44 18.75
C ARG B 368 19.82 -17.30 19.50
N LEU B 369 19.03 -16.63 20.35
CA LEU B 369 19.59 -15.61 21.23
C LEU B 369 20.50 -16.26 22.25
N ALA B 370 21.50 -15.50 22.70
CA ALA B 370 22.41 -16.03 23.71
C ALA B 370 21.71 -16.25 25.04
N ASP B 371 20.79 -15.35 25.41
CA ASP B 371 20.01 -15.49 26.64
C ASP B 371 18.57 -15.06 26.34
N GLN B 372 17.71 -16.03 26.07
CA GLN B 372 16.31 -15.74 25.79
C GLN B 372 15.58 -15.16 27.00
N ASP B 373 16.11 -15.37 28.22
CA ASP B 373 15.45 -14.84 29.41
C ASP B 373 15.69 -13.34 29.55
N SER B 374 16.94 -12.91 29.44
CA SER B 374 17.23 -11.49 29.36
C SER B 374 16.57 -10.92 28.10
N ARG B 375 16.49 -9.59 28.03
CA ARG B 375 15.81 -9.01 26.89
C ARG B 375 16.54 -7.73 26.53
N LEU B 376 16.56 -7.42 25.26
CA LEU B 376 17.71 -6.61 24.87
C LEU B 376 17.44 -5.12 24.98
N PRO B 377 18.48 -4.33 25.26
CA PRO B 377 18.29 -2.89 25.43
C PRO B 377 18.10 -2.18 24.10
N LEU B 378 17.24 -1.17 24.11
CA LEU B 378 16.98 -0.32 22.96
C LEU B 378 17.74 0.99 23.11
N ARG B 379 18.08 1.60 21.98
N ARG B 379 18.05 1.60 21.98
CA ARG B 379 18.81 2.86 22.02
CA ARG B 379 18.78 2.88 21.97
C ARG B 379 17.89 3.98 22.51
C ARG B 379 17.87 3.99 22.49
N PRO B 380 18.27 4.71 23.55
CA PRO B 380 17.42 5.82 24.06
C PRO B 380 17.64 7.12 23.31
N ALA B 381 17.17 7.17 22.07
CA ALA B 381 17.19 8.38 21.25
C ALA B 381 15.81 8.59 20.65
N ASN B 382 15.53 9.84 20.27
CA ASN B 382 14.17 10.23 19.89
C ASN B 382 13.93 10.26 18.39
N PHE B 383 14.91 9.87 17.57
CA PHE B 383 14.71 9.89 16.13
C PHE B 383 14.74 8.48 15.55
N VAL B 384 15.93 7.92 15.34
CA VAL B 384 16.07 6.52 14.94
C VAL B 384 16.49 5.71 16.16
N SER B 385 15.91 4.52 16.31
CA SER B 385 16.20 3.70 17.48
C SER B 385 15.98 2.23 17.16
N GLY B 386 16.78 1.40 17.81
CA GLY B 386 16.68 -0.03 17.67
C GLY B 386 17.52 -0.70 18.73
N LEU B 387 17.77 -2.00 18.53
CA LEU B 387 18.56 -2.76 19.48
C LEU B 387 20.00 -2.25 19.54
N GLU B 388 20.53 -2.13 20.75
CA GLU B 388 21.91 -1.71 20.91
C GLU B 388 22.88 -2.85 20.60
N SER B 389 22.58 -4.05 21.12
CA SER B 389 23.36 -5.24 20.81
C SER B 389 22.40 -6.42 20.76
N MET B 390 22.90 -7.56 20.30
CA MET B 390 22.09 -8.75 20.14
C MET B 390 22.96 -9.99 20.13
N PRO B 391 23.42 -10.46 21.29
CA PRO B 391 24.26 -11.67 21.33
C PRO B 391 23.48 -12.89 20.89
N VAL B 392 24.02 -13.62 19.91
CA VAL B 392 23.39 -14.82 19.37
C VAL B 392 24.43 -15.93 19.29
N VAL B 393 23.93 -17.17 19.22
CA VAL B 393 24.76 -18.35 19.10
C VAL B 393 24.19 -19.23 17.98
N PHE B 394 25.05 -20.05 17.41
CA PHE B 394 24.70 -20.90 16.28
C PHE B 394 25.77 -21.96 16.10
N THR B 395 25.44 -23.00 15.37
CA THR B 395 26.41 -24.04 15.06
C THR B 395 27.43 -23.52 14.06
N PRO B 396 28.73 -23.65 14.34
CA PRO B 396 29.73 -23.13 13.41
C PRO B 396 29.64 -23.82 12.05
N SER B 397 29.87 -23.04 11.00
CA SER B 397 29.90 -23.57 9.64
C SER B 397 31.13 -23.04 8.92
N ARG B 398 31.20 -23.28 7.62
CA ARG B 398 32.41 -23.00 6.87
C ARG B 398 32.20 -21.80 5.95
N PRO B 399 33.18 -20.91 5.84
CA PRO B 399 33.04 -19.75 4.96
C PRO B 399 32.97 -20.17 3.50
N LEU B 400 32.40 -19.28 2.69
CA LEU B 400 32.21 -19.55 1.26
C LEU B 400 33.49 -19.28 0.48
C1 K2B C . -28.50 5.01 -16.94
C2 K2B C . -29.14 6.44 -17.53
C3 K2B C . -28.88 6.65 -18.99
C4 K2B C . -27.43 6.17 -19.58
C5 K2B C . -26.90 4.95 -19.03
C6 K2B C . -25.34 4.63 -19.33
C7 K2B C . -24.45 4.69 -18.05
C8 K2B C . -24.85 3.61 -16.98
C9 K2B C . -26.23 3.75 -16.52
C10 K2B C . -27.20 4.72 -17.42
C11 K2B C . -26.34 4.24 -15.12
C12 K2B C . -25.52 3.40 -14.15
C13 K2B C . -24.03 3.49 -14.52
C14 K2B C . -23.68 3.80 -15.86
C15 K2B C . -22.17 3.26 -15.98
C16 K2B C . -21.65 3.09 -14.46
C17 K2B C . -22.78 2.85 -13.66
C18 K2B C . -24.18 1.97 -14.77
C19 K2B C . -27.82 3.40 -17.87
C20 K2B C . -22.62 3.46 -12.21
C21 K2B C . -23.56 2.78 -11.18
C22 K2B C . -21.10 3.40 -11.75
C23 K2B C . -20.75 2.22 -10.77
C24 K2B C . -19.24 2.30 -10.32
C25 K2B C . -18.81 1.11 -9.40
C27 K2B C . -18.19 -0.04 -10.23
C26 K2B C . -17.83 1.59 -8.33
O1 K2B C . -29.71 7.14 -19.70
CHA HEM D . -15.10 2.96 -6.19
CHB HEM D . -13.14 -1.19 -7.56
CHC HEM D . -16.09 -3.58 -4.54
CHD HEM D . -18.49 0.52 -3.77
C1A HEM D . -14.32 2.04 -6.81
C2A HEM D . -13.27 2.34 -7.72
C3A HEM D . -12.73 1.17 -8.09
C4A HEM D . -13.41 0.14 -7.43
CMA HEM D . -11.61 0.98 -9.06
CAA HEM D . -12.84 3.71 -8.20
CBA HEM D . -11.51 4.13 -7.55
CGA HEM D . -10.75 5.23 -8.22
O1A HEM D . -9.78 5.73 -7.64
O2A HEM D . -11.07 5.66 -9.34
C1B HEM D . -13.79 -2.20 -6.84
C2B HEM D . -13.43 -3.56 -6.98
C3B HEM D . -14.23 -4.26 -6.13
C4B HEM D . -15.11 -3.27 -5.48
CMB HEM D . -12.35 -4.05 -7.91
CAB HEM D . -14.31 -5.71 -5.89
CBB HEM D . -13.30 -6.54 -5.77
C1C HEM D . -17.01 -2.69 -4.04
C2C HEM D . -18.02 -2.96 -3.10
C3C HEM D . -18.71 -1.79 -2.89
C4C HEM D . -18.11 -0.79 -3.69
CMC HEM D . -18.29 -4.29 -2.46
CAC HEM D . -19.83 -1.65 -1.96
CBC HEM D . -20.98 -1.09 -2.28
C1D HEM D . -17.72 1.49 -4.38
C2D HEM D . -18.14 2.88 -4.32
C3D HEM D . -17.20 3.57 -5.00
C4D HEM D . -16.22 2.59 -5.46
CMD HEM D . -19.37 3.41 -3.66
CAD HEM D . -17.17 5.06 -5.22
CBD HEM D . -16.58 5.70 -3.97
CGD HEM D . -16.12 7.10 -4.19
O1D HEM D . -16.28 7.72 -5.24
O2D HEM D . -15.55 7.66 -3.25
NA HEM D . -14.38 0.67 -6.63
NB HEM D . -14.78 -2.08 -5.98
NC HEM D . -17.09 -1.38 -4.37
ND HEM D . -16.57 1.35 -5.05
FE HEM D . -15.65 -0.24 -5.38
C ACT E . -14.96 10.78 -24.10
O ACT E . -14.34 11.88 -24.06
OXT ACT E . -16.08 10.49 -23.59
CH3 ACT E . -14.25 9.61 -24.86
C ACT F . -33.19 0.04 -4.06
O ACT F . -32.67 -0.31 -2.96
OXT ACT F . -32.64 0.17 -5.19
CH3 ACT F . -34.69 0.35 -4.04
C ACT G . -4.59 -5.97 -31.14
O ACT G . -3.91 -5.35 -31.99
OXT ACT G . -5.72 -6.53 -31.27
CH3 ACT G . -3.98 -6.07 -29.69
C ACT H . -11.35 -15.05 11.00
O ACT H . -11.20 -16.27 11.28
OXT ACT H . -11.93 -14.15 11.67
CH3 ACT H . -10.75 -14.57 9.64
NA NA I . -10.71 13.13 -9.34
CHA HEM J . 13.03 9.34 4.01
CHB HEM J . 17.11 7.43 2.26
CHC HEM J . 16.09 3.25 4.50
CHD HEM J . 12.48 5.47 6.77
C1A HEM J . 14.23 9.16 3.37
C2A HEM J . 14.87 10.14 2.60
C3A HEM J . 15.99 9.59 2.11
C4A HEM J . 16.08 8.28 2.57
CMA HEM J . 17.03 10.23 1.25
CAA HEM J . 14.37 11.53 2.35
CBA HEM J . 13.43 11.41 1.17
CGA HEM J . 12.81 12.71 0.75
O1A HEM J . 12.26 12.72 -0.34
O2A HEM J . 12.83 13.73 1.45
C1B HEM J . 17.15 6.12 2.71
C2B HEM J . 18.19 5.25 2.34
C3B HEM J . 17.94 4.05 2.92
C4B HEM J . 16.70 4.24 3.71
CMB HEM J . 19.33 5.59 1.43
CAB HEM J . 18.81 2.88 2.80
CBB HEM J . 18.40 1.66 2.58
C1C HEM J . 15.04 3.50 5.38
C2C HEM J . 14.50 2.60 6.32
C3C HEM J . 13.47 3.25 6.96
C4C HEM J . 13.39 4.54 6.40
CMC HEM J . 14.97 1.20 6.57
CAC HEM J . 12.60 2.79 8.03
CBC HEM J . 11.87 1.70 7.93
C1D HEM J . 12.34 6.70 6.16
C2D HEM J . 11.29 7.62 6.57
C3D HEM J . 11.42 8.70 5.81
C4D HEM J . 12.59 8.43 4.94
CMD HEM J . 10.25 7.40 7.63
CAD HEM J . 10.55 9.94 5.85
CBD HEM J . 9.22 9.70 5.14
CGD HEM J . 8.10 10.64 5.44
O1D HEM J . 8.19 11.53 6.29
O2D HEM J . 7.02 10.51 4.83
NA HEM J . 14.99 8.02 3.33
NB HEM J . 16.32 5.50 3.52
NC HEM J . 14.36 4.65 5.46
ND HEM J . 13.10 7.21 5.20
FE HEM J . 14.57 6.38 4.33
C1 K2B K . 24.40 19.05 12.72
C2 K2B K . 24.64 20.66 13.14
C3 K2B K . 24.37 20.97 14.57
C4 K2B K . 23.21 20.12 15.38
C5 K2B K . 23.04 18.74 14.95
C6 K2B K . 21.71 17.99 15.52
C7 K2B K . 20.75 17.31 14.48
C8 K2B K . 21.54 16.58 13.34
C9 K2B K . 22.25 17.50 12.50
C10 K2B K . 23.22 18.56 13.33
C11 K2B K . 22.99 16.86 11.37
C12 K2B K . 22.42 15.55 10.85
C13 K2B K . 20.96 15.26 11.29
C14 K2B K . 20.40 15.85 12.45
C15 K2B K . 19.28 14.82 12.93
C16 K2B K . 18.95 13.94 11.63
C17 K2B K . 20.09 13.94 10.80
C18 K2B K . 21.70 14.17 12.09
C19 K2B K . 24.15 17.39 13.73
C20 K2B K . 19.69 14.00 9.27
C21 K2B K . 20.81 13.44 8.36
C22 K2B K . 18.30 13.29 9.01
C23 K2B K . 18.35 11.79 8.58
C24 K2B K . 17.02 11.42 7.82
C25 K2B K . 16.54 9.93 7.89
C27 K2B K . 16.13 9.42 6.49
C26 K2B K . 17.54 8.99 8.57
O1 K2B K . 24.98 21.82 15.13
C ACT L . 15.05 26.05 -0.81
O ACT L . 15.90 25.15 -1.12
OXT ACT L . 14.42 26.20 0.27
CH3 ACT L . 14.78 27.10 -1.93
C ACT M . 31.32 11.65 2.12
O ACT M . 30.91 12.04 3.25
OXT ACT M . 30.70 10.98 1.25
CH3 ACT M . 32.78 12.03 1.80
C ACT N . 27.91 3.49 -7.81
O ACT N . 29.00 4.02 -7.43
OXT ACT N . 27.12 2.75 -7.17
CH3 ACT N . 27.51 3.81 -9.28
C ACT O . 9.52 22.18 18.62
O ACT O . 10.72 22.26 18.25
OXT ACT O . 8.54 22.88 18.25
CH3 ACT O . 9.22 21.06 19.67
NA NA P . 6.22 -13.50 0.90
NA NA Q . 19.43 23.66 -13.74
NA NA R . 22.66 -0.33 17.14
#